data_9G88
#
_entry.id   9G88
#
_cell.length_a   72.155
_cell.length_b   85.957
_cell.length_c   93.87
_cell.angle_alpha   90
_cell.angle_beta   100.336
_cell.angle_gamma   90
#
_symmetry.space_group_name_H-M   'P 1 21 1'
#
loop_
_entity.id
_entity.type
_entity.pdbx_description
1 polymer 'Lignostilbene dioxygenase'
2 non-polymer 'ACETATE ION'
3 non-polymer 'FE (II) ION'
4 water water
#
_entity_poly.entity_id   1
_entity_poly.type   'polypeptide(L)'
_entity_poly.pdbx_seq_one_letter_code
;MWSHPQFEKAPTATQEPVPVPVTSKAAPSHGYVHPTDILPSGWPTATDLSGGAQPRRFEGTIFDVMTRGTIPKELHGTFY
RIMPDYAQPPTYYKGGELNAPIDGDGTVAAFRFKDGKVDYRQRFVETDRFKVERRARKSMYGLYRNPYTHHPCVRQTVES
TANTNVVMHAGRFLAMKENGNAYEMDPHTLKTLGYNPFNLPSKTMTAHPKQCSVTGNLVGFGYEAKGLATKDVYYFEVDP
SGKVVRDLWLEAPWCAFIHDCALTPNYLVLMLWPFEANLERMKAGGHHWAYDYTKPITWITIPRGAKSKDEVKYWHWKNG
MPIHTASGFEDEQGRIIIDSSLVHGNAFPFFPPDSDEQKKKQEADGTPKAQFVRWTIDPRKDNNEQLPDPEVILDTPSEF
PQIDNRFMGVEYSSAFINVFVPDRSDGNKNVFQGLNGLAHYKRKEGTTEWYYAGDNCLIQEPVFSPRSKDAPEGDGFVLA
IVDRLDLNRSEVVVIDTRDFTKAVAAVQLPFAIRSGIHGQWIPGEVTPDFETKGLVDLPKEEHWAPLSQSPYDPDA
;
_entity_poly.pdbx_strand_id   A,B
#
# COMPACT_ATOMS: atom_id res chain seq x y z
N TYR A 32 27.71 -2.58 10.20
CA TYR A 32 27.28 -2.70 8.78
C TYR A 32 26.32 -1.56 8.42
N VAL A 33 26.64 -0.88 7.32
CA VAL A 33 25.74 0.08 6.66
C VAL A 33 25.48 -0.47 5.26
N HIS A 34 24.21 -0.48 4.83
CA HIS A 34 23.89 -0.91 3.47
C HIS A 34 24.40 0.18 2.52
N PRO A 35 25.21 -0.13 1.47
CA PRO A 35 25.74 0.92 0.60
C PRO A 35 24.69 1.84 -0.05
N THR A 36 23.49 1.29 -0.34
CA THR A 36 22.47 2.14 -0.98
C THR A 36 21.86 3.14 0.02
N ASP A 37 22.06 2.90 1.32
CA ASP A 37 21.48 3.75 2.36
C ASP A 37 22.24 5.05 2.53
N ILE A 38 23.46 5.13 2.00
CA ILE A 38 24.22 6.38 2.03
C ILE A 38 24.00 7.23 0.78
N LEU A 39 23.22 6.73 -0.22
CA LEU A 39 22.87 7.55 -1.37
C LEU A 39 21.93 8.65 -0.90
N PRO A 40 22.07 9.93 -1.33
CA PRO A 40 21.28 11.03 -0.76
C PRO A 40 19.80 11.00 -1.08
N SER A 41 19.03 11.40 -0.08
CA SER A 41 17.62 11.69 -0.19
C SER A 41 17.44 13.21 -0.19
N GLY A 42 16.50 13.66 -1.02
CA GLY A 42 16.00 15.02 -1.07
C GLY A 42 14.89 15.30 -0.05
N TRP A 43 14.54 14.33 0.80
CA TRP A 43 13.46 14.57 1.74
C TRP A 43 13.99 15.23 3.01
N PRO A 44 13.30 16.28 3.51
CA PRO A 44 13.53 16.75 4.88
C PRO A 44 12.83 15.79 5.84
N THR A 45 13.11 15.96 7.13
CA THR A 45 12.51 15.13 8.16
C THR A 45 11.07 15.61 8.34
N ALA A 46 10.10 14.77 7.97
CA ALA A 46 8.68 15.14 8.00
C ALA A 46 8.01 14.25 9.05
N THR A 47 7.96 14.72 10.31
CA THR A 47 7.38 13.91 11.39
C THR A 47 5.85 13.99 11.39
N ASP A 48 5.26 12.99 12.05
CA ASP A 48 3.87 13.05 12.46
C ASP A 48 3.89 13.22 13.99
N LEU A 49 2.71 13.29 14.63
CA LEU A 49 2.69 13.61 16.05
C LEU A 49 3.38 12.56 16.91
N SER A 50 3.44 11.30 16.44
CA SER A 50 4.14 10.27 17.21
C SER A 50 5.65 10.50 17.23
N GLY A 51 6.17 11.34 16.33
CA GLY A 51 7.60 11.52 16.12
C GLY A 51 8.16 10.71 14.95
N GLY A 52 7.35 9.76 14.46
CA GLY A 52 7.76 8.93 13.33
C GLY A 52 7.95 9.79 12.08
N ALA A 53 8.91 9.44 11.22
CA ALA A 53 9.22 10.33 10.11
C ALA A 53 9.29 9.59 8.78
N GLN A 54 8.62 8.43 8.69
CA GLN A 54 8.68 7.73 7.40
C GLN A 54 7.51 8.16 6.52
N PRO A 55 7.73 8.79 5.35
CA PRO A 55 6.62 9.08 4.44
C PRO A 55 6.00 7.80 3.90
N ARG A 56 4.65 7.78 3.81
CA ARG A 56 3.96 6.58 3.31
C ARG A 56 3.36 6.94 1.97
N ARG A 57 2.24 7.67 1.96
CA ARG A 57 1.75 8.37 0.75
C ARG A 57 1.08 7.44 -0.26
N PHE A 58 0.76 6.24 0.09
CA PHE A 58 0.08 5.44 -0.91
C PHE A 58 -1.41 5.74 -0.87
N GLU A 59 -2.00 5.46 -2.03
CA GLU A 59 -3.42 5.66 -2.26
C GLU A 59 -3.97 4.40 -2.91
N GLY A 60 -4.91 3.73 -2.23
CA GLY A 60 -5.44 2.52 -2.83
C GLY A 60 -6.15 1.67 -1.79
N THR A 61 -6.31 0.39 -2.11
CA THR A 61 -7.20 -0.48 -1.34
C THR A 61 -6.56 -1.82 -1.04
N ILE A 62 -7.12 -2.47 -0.01
CA ILE A 62 -6.99 -3.93 0.17
C ILE A 62 -8.38 -4.45 0.44
N PHE A 63 -8.80 -5.39 -0.41
CA PHE A 63 -10.07 -6.06 -0.26
C PHE A 63 -9.91 -7.27 0.68
N ASP A 64 -10.74 -7.36 1.73
CA ASP A 64 -10.74 -8.46 2.68
C ASP A 64 -9.38 -8.52 3.40
N VAL A 65 -9.11 -7.46 4.16
CA VAL A 65 -7.86 -7.34 4.93
C VAL A 65 -7.74 -8.53 5.88
N MET A 66 -6.52 -9.05 5.98
CA MET A 66 -6.26 -10.15 6.90
C MET A 66 -6.70 -9.81 8.31
N THR A 67 -7.31 -10.81 8.99
CA THR A 67 -7.67 -10.63 10.39
C THR A 67 -7.16 -11.78 11.24
N ARG A 68 -6.98 -11.48 12.51
CA ARG A 68 -6.69 -12.48 13.53
C ARG A 68 -7.83 -12.40 14.52
N GLY A 69 -8.24 -13.54 15.05
CA GLY A 69 -9.34 -13.54 16.00
C GLY A 69 -10.67 -13.49 15.29
N THR A 70 -11.73 -13.05 15.96
CA THR A 70 -13.06 -13.05 15.38
C THR A 70 -13.52 -11.60 15.34
N ILE A 71 -13.80 -11.11 14.13
CA ILE A 71 -14.36 -9.77 13.99
C ILE A 71 -15.80 -9.80 14.50
N PRO A 72 -16.16 -8.97 15.50
CA PRO A 72 -17.54 -8.98 16.00
C PRO A 72 -18.54 -8.72 14.88
N LYS A 73 -19.60 -9.55 14.86
CA LYS A 73 -20.66 -9.36 13.88
C LYS A 73 -21.44 -8.08 14.13
N GLU A 74 -21.30 -7.50 15.33
CA GLU A 74 -22.03 -6.30 15.69
C GLU A 74 -21.41 -5.05 15.04
N LEU A 75 -20.19 -5.18 14.49
CA LEU A 75 -19.57 -4.00 13.86
C LEU A 75 -20.13 -3.85 12.44
N HIS A 76 -20.77 -2.70 12.16
CA HIS A 76 -21.42 -2.45 10.89
C HIS A 76 -21.23 -0.98 10.57
N GLY A 77 -20.07 -0.69 9.97
CA GLY A 77 -19.72 0.70 9.81
C GLY A 77 -18.27 0.81 9.38
N THR A 78 -17.75 2.05 9.53
CA THR A 78 -16.41 2.32 8.99
C THR A 78 -15.64 3.09 10.04
N PHE A 79 -14.39 2.65 10.29
CA PHE A 79 -13.47 3.41 11.11
C PHE A 79 -12.66 4.25 10.12
N TYR A 80 -12.91 5.55 10.14
CA TYR A 80 -12.16 6.49 9.28
C TYR A 80 -11.10 7.17 10.14
N ARG A 81 -9.84 7.15 9.71
CA ARG A 81 -8.78 7.81 10.46
C ARG A 81 -8.05 8.75 9.53
N ILE A 82 -7.63 9.91 10.02
CA ILE A 82 -6.96 10.87 9.15
C ILE A 82 -5.57 11.13 9.71
N MET A 83 -4.63 11.35 8.76
CA MET A 83 -3.22 11.45 9.12
C MET A 83 -2.58 12.51 8.28
N PRO A 84 -1.54 13.19 8.81
CA PRO A 84 -0.69 14.09 8.03
C PRO A 84 0.38 13.27 7.33
N ASP A 85 0.47 13.41 6.00
CA ASP A 85 1.48 12.63 5.28
C ASP A 85 1.86 13.43 4.06
N TYR A 86 2.79 14.39 4.22
CA TYR A 86 3.15 15.26 3.10
C TYR A 86 3.32 14.44 1.80
N ALA A 87 2.63 14.87 0.74
CA ALA A 87 2.63 14.12 -0.50
C ALA A 87 3.88 14.38 -1.35
N GLN A 88 4.40 15.60 -1.24
CA GLN A 88 5.67 16.00 -1.84
C GLN A 88 6.62 16.43 -0.73
N PRO A 89 7.95 16.31 -0.93
CA PRO A 89 8.90 16.69 0.14
C PRO A 89 8.72 18.20 0.38
N PRO A 90 8.53 18.63 1.66
CA PRO A 90 8.02 20.01 1.90
C PRO A 90 9.10 21.10 1.94
N THR A 91 9.86 21.19 0.85
CA THR A 91 11.13 21.92 0.88
C THR A 91 10.99 23.42 0.56
N TYR A 92 9.78 23.95 0.32
CA TYR A 92 9.68 25.32 -0.21
C TYR A 92 10.32 26.35 0.74
N TYR A 93 10.01 26.27 2.04
CA TYR A 93 10.49 27.32 2.96
C TYR A 93 11.57 26.76 3.87
N LYS A 94 12.76 27.40 3.82
CA LYS A 94 13.86 27.01 4.71
C LYS A 94 14.16 25.51 4.58
N GLY A 95 14.04 24.97 3.36
CA GLY A 95 14.27 23.56 3.09
C GLY A 95 13.32 22.60 3.86
N GLY A 96 12.20 23.14 4.35
CA GLY A 96 11.28 22.35 5.19
C GLY A 96 11.78 22.12 6.61
N GLU A 97 12.82 22.86 7.07
CA GLU A 97 13.43 22.59 8.38
C GLU A 97 12.44 22.81 9.54
N LEU A 98 11.45 23.71 9.34
CA LEU A 98 10.52 24.06 10.41
C LEU A 98 9.11 23.51 10.15
N ASN A 99 8.99 22.50 9.24
CA ASN A 99 7.70 21.81 9.14
C ASN A 99 7.29 21.24 10.51
N ALA A 100 5.97 21.28 10.79
CA ALA A 100 5.44 20.81 12.05
C ALA A 100 4.74 19.46 11.84
N PRO A 101 4.63 18.61 12.88
CA PRO A 101 3.94 17.32 12.75
C PRO A 101 2.47 17.44 12.34
N ILE A 102 1.89 18.61 12.57
CA ILE A 102 0.48 18.87 12.20
C ILE A 102 0.32 19.44 10.80
N ASP A 103 1.41 19.58 10.04
CA ASP A 103 1.33 20.25 8.74
C ASP A 103 0.86 19.36 7.58
N GLY A 104 1.31 18.09 7.54
CA GLY A 104 1.36 17.41 6.24
C GLY A 104 -0.02 17.14 5.60
N ASP A 105 -0.01 17.00 4.27
CA ASP A 105 -1.25 16.76 3.50
C ASP A 105 -2.10 15.65 4.14
N GLY A 106 -3.41 15.95 4.29
CA GLY A 106 -4.32 14.99 4.92
C GLY A 106 -4.60 13.79 4.02
N THR A 107 -4.48 12.59 4.63
CA THR A 107 -4.84 11.36 3.95
C THR A 107 -5.76 10.56 4.88
N VAL A 108 -6.84 10.02 4.31
CA VAL A 108 -7.86 9.30 5.06
C VAL A 108 -7.67 7.81 4.84
N ALA A 109 -7.60 7.07 5.96
CA ALA A 109 -7.70 5.61 5.89
C ALA A 109 -9.09 5.22 6.35
N ALA A 110 -9.70 4.32 5.60
CA ALA A 110 -11.03 3.81 5.94
C ALA A 110 -10.93 2.30 6.13
N PHE A 111 -11.50 1.80 7.23
CA PHE A 111 -11.58 0.36 7.49
C PHE A 111 -13.04 0.04 7.67
N ARG A 112 -13.63 -0.60 6.65
CA ARG A 112 -15.08 -0.85 6.68
C ARG A 112 -15.35 -2.29 7.11
N PHE A 113 -16.15 -2.40 8.15
CA PHE A 113 -16.55 -3.69 8.72
C PHE A 113 -18.01 -3.97 8.34
N LYS A 114 -18.21 -5.13 7.71
CA LYS A 114 -19.57 -5.55 7.39
C LYS A 114 -19.58 -7.08 7.44
N ASP A 115 -20.48 -7.64 8.26
CA ASP A 115 -20.66 -9.10 8.33
C ASP A 115 -19.33 -9.83 8.60
N GLY A 116 -18.47 -9.30 9.48
CA GLY A 116 -17.25 -9.97 9.89
C GLY A 116 -16.06 -9.76 8.97
N LYS A 117 -16.25 -9.01 7.88
CA LYS A 117 -15.18 -8.81 6.91
C LYS A 117 -14.78 -7.34 6.88
N VAL A 118 -13.51 -7.06 6.60
CA VAL A 118 -12.96 -5.72 6.65
C VAL A 118 -12.30 -5.41 5.31
N ASP A 119 -12.61 -4.22 4.72
CA ASP A 119 -11.90 -3.69 3.56
C ASP A 119 -11.20 -2.40 4.00
N TYR A 120 -10.16 -2.05 3.25
CA TYR A 120 -9.40 -0.84 3.54
C TYR A 120 -9.23 0.01 2.29
N ARG A 121 -9.34 1.34 2.46
CA ARG A 121 -8.97 2.28 1.41
C ARG A 121 -8.23 3.43 2.05
N GLN A 122 -7.14 3.91 1.40
N GLN A 122 -7.21 3.93 1.35
CA GLN A 122 -6.31 5.07 1.79
CA GLN A 122 -6.56 5.14 1.79
C GLN A 122 -6.36 6.10 0.64
C GLN A 122 -6.43 6.11 0.62
N ARG A 123 -6.66 7.39 0.90
CA ARG A 123 -6.55 8.36 -0.19
C ARG A 123 -6.27 9.75 0.37
N PHE A 124 -5.43 10.51 -0.36
CA PHE A 124 -5.26 11.92 -0.02
C PHE A 124 -6.53 12.72 -0.27
N VAL A 125 -6.80 13.68 0.64
CA VAL A 125 -7.80 14.74 0.36
C VAL A 125 -7.25 15.65 -0.75
N GLU A 126 -8.07 15.91 -1.79
CA GLU A 126 -7.55 16.75 -2.88
C GLU A 126 -7.75 18.23 -2.54
N THR A 127 -7.11 18.67 -1.45
CA THR A 127 -7.20 20.09 -1.09
C THR A 127 -6.63 20.94 -2.23
N ASP A 128 -6.99 22.24 -2.23
CA ASP A 128 -6.39 23.10 -3.27
C ASP A 128 -4.86 23.09 -3.19
N ARG A 129 -4.33 23.03 -1.95
CA ARG A 129 -2.90 22.96 -1.73
C ARG A 129 -2.29 21.69 -2.31
N PHE A 130 -2.90 20.54 -1.97
CA PHE A 130 -2.41 19.27 -2.51
C PHE A 130 -2.43 19.28 -4.04
N LYS A 131 -3.49 19.83 -4.64
CA LYS A 131 -3.58 19.84 -6.10
C LYS A 131 -2.44 20.71 -6.67
N VAL A 132 -2.20 21.88 -6.08
CA VAL A 132 -1.11 22.74 -6.58
C VAL A 132 0.19 21.94 -6.51
N GLU A 133 0.49 21.34 -5.35
CA GLU A 133 1.81 20.73 -5.22
C GLU A 133 1.97 19.47 -6.07
N ARG A 134 0.90 18.68 -6.26
CA ARG A 134 1.04 17.46 -7.07
C ARG A 134 1.22 17.84 -8.53
N ARG A 135 0.42 18.80 -9.00
CA ARG A 135 0.49 19.25 -10.40
C ARG A 135 1.86 19.84 -10.69
N ALA A 136 2.45 20.57 -9.73
CA ALA A 136 3.77 21.17 -9.95
C ALA A 136 4.88 20.20 -9.63
N ARG A 137 4.57 19.04 -9.02
CA ARG A 137 5.55 18.13 -8.40
C ARG A 137 6.55 18.93 -7.54
N LYS A 138 6.02 19.82 -6.70
CA LYS A 138 6.87 20.76 -5.97
C LYS A 138 6.10 21.28 -4.77
N SER A 139 6.80 21.34 -3.64
CA SER A 139 6.35 22.11 -2.48
C SER A 139 6.24 23.61 -2.83
N MET A 140 5.11 24.22 -2.43
CA MET A 140 4.83 25.62 -2.71
C MET A 140 4.36 26.35 -1.47
N TYR A 141 4.36 25.65 -0.32
CA TYR A 141 3.81 26.21 0.91
C TYR A 141 4.87 26.10 1.98
N GLY A 142 4.85 27.10 2.88
CA GLY A 142 5.85 27.23 3.94
C GLY A 142 5.35 26.74 5.28
N LEU A 143 5.42 27.63 6.28
CA LEU A 143 5.13 27.28 7.67
C LEU A 143 3.63 27.11 7.91
N TYR A 144 3.31 26.33 8.97
CA TYR A 144 1.95 26.17 9.45
C TYR A 144 1.25 27.52 9.57
N ARG A 145 0.16 27.69 8.82
CA ARG A 145 -0.70 28.86 8.93
C ARG A 145 0.07 30.18 8.68
N ASN A 146 1.12 30.16 7.82
CA ASN A 146 1.76 31.45 7.56
C ASN A 146 1.88 31.67 6.05
N PRO A 147 0.83 32.25 5.42
CA PRO A 147 0.86 32.59 3.99
C PRO A 147 2.05 33.46 3.52
N TYR A 148 2.64 34.25 4.42
CA TYR A 148 3.79 35.09 4.03
C TYR A 148 5.00 34.22 3.70
N THR A 149 4.96 32.93 4.05
CA THR A 149 6.05 32.00 3.73
C THR A 149 5.67 31.04 2.61
N HIS A 150 4.46 31.17 2.02
CA HIS A 150 4.13 30.33 0.86
C HIS A 150 4.64 31.01 -0.39
N HIS A 151 4.70 30.26 -1.50
CA HIS A 151 5.13 30.86 -2.76
C HIS A 151 4.15 31.99 -3.12
N PRO A 152 4.61 33.17 -3.64
CA PRO A 152 3.68 34.26 -3.96
C PRO A 152 2.45 33.89 -4.76
N CYS A 153 2.59 32.90 -5.65
CA CYS A 153 1.50 32.54 -6.52
C CYS A 153 0.38 31.79 -5.79
N VAL A 154 0.63 31.30 -4.55
CA VAL A 154 -0.39 30.55 -3.84
C VAL A 154 -0.79 31.24 -2.53
N ARG A 155 -0.29 32.47 -2.27
CA ARG A 155 -0.53 33.06 -0.96
C ARG A 155 -2.02 33.26 -0.72
N GLN A 156 -2.81 33.52 -1.78
CA GLN A 156 -4.22 33.78 -1.61
C GLN A 156 -5.07 32.56 -1.93
N THR A 157 -4.54 31.35 -1.65
CA THR A 157 -5.29 30.10 -1.77
C THR A 157 -5.75 29.70 -0.37
N VAL A 158 -6.70 28.74 -0.35
CA VAL A 158 -6.96 28.01 0.92
C VAL A 158 -5.75 27.13 1.16
N GLU A 159 -5.09 27.35 2.33
CA GLU A 159 -3.84 26.68 2.65
C GLU A 159 -4.07 25.42 3.50
N SER A 160 -5.32 25.12 3.86
CA SER A 160 -5.61 23.95 4.69
C SER A 160 -5.16 22.66 4.02
N THR A 161 -4.55 21.80 4.83
CA THR A 161 -4.24 20.45 4.40
C THR A 161 -5.27 19.42 4.88
N ALA A 162 -6.37 19.89 5.52
CA ALA A 162 -7.52 19.02 5.80
C ALA A 162 -7.09 17.69 6.40
N ASN A 163 -6.34 17.79 7.53
CA ASN A 163 -5.58 16.62 7.98
C ASN A 163 -5.85 16.26 9.43
N THR A 164 -6.90 16.82 10.09
CA THR A 164 -6.95 16.54 11.55
C THR A 164 -8.13 15.69 11.99
N ASN A 165 -9.34 15.85 11.42
CA ASN A 165 -10.47 15.04 11.90
C ASN A 165 -11.49 14.93 10.77
N VAL A 166 -12.45 14.03 10.95
CA VAL A 166 -13.49 13.77 9.96
C VAL A 166 -14.84 13.72 10.68
N VAL A 167 -15.92 13.92 9.89
CA VAL A 167 -17.29 13.83 10.44
C VAL A 167 -18.22 13.41 9.30
N MET A 168 -19.29 12.68 9.62
CA MET A 168 -20.39 12.42 8.69
C MET A 168 -21.59 13.18 9.25
N HIS A 169 -22.06 14.19 8.50
CA HIS A 169 -23.15 15.01 9.02
C HIS A 169 -24.08 15.26 7.84
N ALA A 170 -25.40 15.07 8.09
CA ALA A 170 -26.39 15.38 7.04
C ALA A 170 -26.07 14.68 5.72
N GLY A 171 -25.56 13.45 5.83
CA GLY A 171 -25.27 12.65 4.66
C GLY A 171 -23.97 13.01 3.95
N ARG A 172 -23.20 13.94 4.51
CA ARG A 172 -21.99 14.44 3.86
C ARG A 172 -20.76 14.06 4.75
N PHE A 173 -19.74 13.57 4.09
CA PHE A 173 -18.49 13.16 4.74
C PHE A 173 -17.43 14.25 4.56
N LEU A 174 -16.94 14.78 5.70
CA LEU A 174 -16.02 15.95 5.70
C LEU A 174 -14.65 15.59 6.28
N ALA A 175 -13.60 16.12 5.64
CA ALA A 175 -12.25 16.19 6.19
C ALA A 175 -12.05 17.62 6.66
N MET A 176 -11.52 17.79 7.88
CA MET A 176 -11.46 19.10 8.52
C MET A 176 -10.04 19.45 8.96
N LYS A 177 -9.81 20.76 9.01
CA LYS A 177 -8.64 21.36 9.63
C LYS A 177 -9.03 22.81 9.95
N GLU A 178 -8.64 23.28 11.15
CA GLU A 178 -9.23 24.49 11.72
C GLU A 178 -8.87 25.81 11.02
N ASN A 179 -7.95 25.78 10.05
CA ASN A 179 -7.55 27.00 9.31
C ASN A 179 -8.31 27.14 8.00
N GLY A 180 -9.38 26.37 7.82
CA GLY A 180 -10.19 26.52 6.61
C GLY A 180 -11.57 25.87 6.85
N ASN A 181 -12.50 26.07 5.90
CA ASN A 181 -13.67 25.21 5.92
C ASN A 181 -13.31 23.79 5.48
N ALA A 182 -14.24 22.87 5.71
CA ALA A 182 -13.97 21.46 5.39
C ALA A 182 -13.97 21.17 3.89
N TYR A 183 -13.32 20.06 3.52
CA TYR A 183 -13.47 19.48 2.19
C TYR A 183 -14.39 18.27 2.30
N GLU A 184 -15.27 18.10 1.33
CA GLU A 184 -16.14 16.93 1.29
C GLU A 184 -15.51 15.84 0.44
N MET A 185 -15.73 14.58 0.90
CA MET A 185 -15.24 13.42 0.13
C MET A 185 -16.36 12.41 0.02
N ASP A 186 -16.31 11.60 -1.06
CA ASP A 186 -17.21 10.46 -1.18
C ASP A 186 -16.82 9.47 -0.08
N PRO A 187 -17.77 8.92 0.70
CA PRO A 187 -17.40 8.04 1.81
C PRO A 187 -16.95 6.63 1.38
N HIS A 188 -17.06 6.31 0.08
CA HIS A 188 -16.71 4.95 -0.38
C HIS A 188 -15.46 4.97 -1.22
N THR A 189 -15.35 5.91 -2.18
CA THR A 189 -14.15 6.03 -2.99
C THR A 189 -13.14 7.01 -2.41
N LEU A 190 -13.57 7.84 -1.46
CA LEU A 190 -12.77 8.91 -0.87
C LEU A 190 -12.41 9.96 -1.93
N LYS A 191 -13.08 9.99 -3.10
CA LYS A 191 -12.82 11.07 -4.07
C LYS A 191 -13.25 12.39 -3.43
N THR A 192 -12.50 13.45 -3.71
CA THR A 192 -12.87 14.74 -3.16
C THR A 192 -13.97 15.36 -4.03
N LEU A 193 -14.98 15.91 -3.37
CA LEU A 193 -16.18 16.42 -4.06
C LEU A 193 -16.29 17.95 -4.08
N GLY A 194 -15.72 18.62 -3.08
CA GLY A 194 -15.85 20.07 -3.02
C GLY A 194 -15.34 20.64 -1.71
N TYR A 195 -15.58 21.94 -1.54
CA TYR A 195 -15.09 22.68 -0.40
C TYR A 195 -16.31 23.38 0.22
N ASN A 196 -16.30 23.45 1.57
CA ASN A 196 -17.31 24.20 2.33
C ASN A 196 -18.71 23.73 1.97
N PRO A 197 -19.05 22.43 2.13
CA PRO A 197 -20.36 21.93 1.71
C PRO A 197 -21.58 22.54 2.38
N PHE A 198 -21.40 23.04 3.61
CA PHE A 198 -22.48 23.66 4.36
C PHE A 198 -22.52 25.18 4.14
N ASN A 199 -21.62 25.71 3.29
N ASN A 199 -21.63 25.72 3.29
CA ASN A 199 -21.63 27.12 2.90
CA ASN A 199 -21.65 27.14 2.91
C ASN A 199 -21.58 28.02 4.13
C ASN A 199 -21.59 28.02 4.15
N LEU A 200 -20.68 27.69 5.10
CA LEU A 200 -20.50 28.54 6.26
C LEU A 200 -19.91 29.88 5.79
N PRO A 201 -20.33 30.99 6.43
CA PRO A 201 -19.84 32.30 6.02
C PRO A 201 -18.48 32.73 6.54
N SER A 202 -17.95 31.97 7.51
CA SER A 202 -16.61 32.21 8.05
C SER A 202 -15.58 31.68 7.07
N LYS A 203 -14.32 32.09 7.29
CA LYS A 203 -13.20 31.59 6.50
C LYS A 203 -12.66 30.27 7.07
N THR A 204 -13.15 29.86 8.24
CA THR A 204 -12.64 28.70 8.95
C THR A 204 -13.80 27.93 9.56
N MET A 205 -13.52 26.65 9.86
CA MET A 205 -14.41 25.84 10.69
C MET A 205 -13.49 24.97 11.54
N THR A 206 -13.85 24.84 12.83
CA THR A 206 -13.12 23.95 13.73
C THR A 206 -13.09 22.55 13.15
N ALA A 207 -12.02 21.84 13.51
CA ALA A 207 -11.99 20.41 13.23
C ALA A 207 -12.54 19.61 14.40
N HIS A 208 -13.07 20.29 15.44
CA HIS A 208 -13.66 19.59 16.59
C HIS A 208 -15.11 20.05 16.77
N PRO A 209 -16.00 19.98 15.73
CA PRO A 209 -17.42 20.20 16.00
C PRO A 209 -17.96 19.00 16.78
N LYS A 210 -19.14 19.15 17.37
CA LYS A 210 -19.73 18.07 18.18
C LYS A 210 -21.13 17.82 17.63
N GLN A 211 -21.51 16.56 17.45
CA GLN A 211 -22.86 16.20 17.02
C GLN A 211 -23.73 15.94 18.22
N CYS A 212 -24.65 16.89 18.46
CA CYS A 212 -25.55 16.90 19.61
C CYS A 212 -26.46 15.66 19.59
N SER A 213 -26.49 14.88 20.66
CA SER A 213 -27.34 13.70 20.73
C SER A 213 -28.82 14.07 20.85
N VAL A 214 -29.17 15.30 21.24
CA VAL A 214 -30.56 15.65 21.44
C VAL A 214 -31.16 16.19 20.14
N THR A 215 -30.49 17.19 19.53
CA THR A 215 -30.99 17.82 18.33
C THR A 215 -30.50 17.13 17.06
N GLY A 216 -29.34 16.43 17.11
CA GLY A 216 -28.68 15.97 15.90
C GLY A 216 -27.85 17.09 15.23
N ASN A 217 -27.81 18.29 15.83
CA ASN A 217 -27.09 19.39 15.17
C ASN A 217 -25.57 19.15 15.24
N LEU A 218 -24.89 19.57 14.17
CA LEU A 218 -23.43 19.73 14.19
C LEU A 218 -23.13 21.09 14.80
N VAL A 219 -22.58 21.10 16.02
CA VAL A 219 -22.41 22.34 16.78
C VAL A 219 -20.91 22.66 16.75
N GLY A 220 -20.57 23.88 16.33
CA GLY A 220 -19.15 24.22 16.29
C GLY A 220 -18.94 25.72 16.17
N PHE A 221 -17.75 26.04 15.70
CA PHE A 221 -17.29 27.42 15.61
C PHE A 221 -16.17 27.45 14.60
N GLY A 222 -15.81 28.66 14.18
CA GLY A 222 -14.57 28.90 13.46
C GLY A 222 -13.90 30.11 14.11
N TYR A 223 -12.61 30.02 14.40
CA TYR A 223 -11.89 31.18 14.93
C TYR A 223 -10.91 31.67 13.85
N GLU A 224 -10.29 32.83 14.08
CA GLU A 224 -9.68 33.58 12.98
C GLU A 224 -10.66 33.64 11.81
N ALA A 225 -11.94 33.92 12.15
CA ALA A 225 -13.01 33.64 11.20
C ALA A 225 -13.09 34.66 10.07
N LYS A 226 -12.35 35.78 10.20
CA LYS A 226 -12.34 36.81 9.15
C LYS A 226 -10.95 36.92 8.53
N GLY A 227 -10.06 35.95 8.79
CA GLY A 227 -8.75 35.90 8.14
C GLY A 227 -7.61 35.88 9.15
N LEU A 228 -6.38 35.92 8.61
CA LEU A 228 -5.20 35.68 9.42
C LEU A 228 -5.12 36.63 10.62
N ALA A 229 -4.96 36.04 11.83
CA ALA A 229 -4.74 36.74 13.10
C ALA A 229 -5.98 37.53 13.57
N THR A 230 -7.13 37.30 12.94
CA THR A 230 -8.36 37.96 13.38
C THR A 230 -8.87 37.36 14.70
N LYS A 231 -9.44 38.24 15.55
CA LYS A 231 -10.02 37.78 16.82
C LYS A 231 -11.43 37.20 16.66
N ASP A 232 -12.02 37.39 15.47
CA ASP A 232 -13.41 36.99 15.27
C ASP A 232 -13.61 35.48 15.40
N VAL A 233 -14.73 35.15 16.03
CA VAL A 233 -15.18 33.77 16.21
C VAL A 233 -16.60 33.69 15.72
N TYR A 234 -16.89 32.71 14.87
CA TYR A 234 -18.23 32.45 14.38
C TYR A 234 -18.73 31.17 15.03
N TYR A 235 -19.85 31.20 15.74
CA TYR A 235 -20.47 30.02 16.29
C TYR A 235 -21.62 29.60 15.39
N PHE A 236 -21.84 28.29 15.25
CA PHE A 236 -22.96 27.81 14.43
C PHE A 236 -23.48 26.48 14.94
N GLU A 237 -24.74 26.18 14.54
CA GLU A 237 -25.27 24.85 14.61
C GLU A 237 -25.94 24.53 13.29
N VAL A 238 -25.54 23.42 12.67
CA VAL A 238 -26.06 22.95 11.39
C VAL A 238 -26.99 21.78 11.72
N ASP A 239 -28.24 21.87 11.27
CA ASP A 239 -29.20 20.84 11.62
C ASP A 239 -29.01 19.56 10.79
N PRO A 240 -29.73 18.46 11.12
CA PRO A 240 -29.55 17.21 10.37
C PRO A 240 -29.86 17.26 8.88
N SER A 241 -30.49 18.34 8.44
CA SER A 241 -30.75 18.50 7.01
C SER A 241 -29.69 19.34 6.30
N GLY A 242 -28.69 19.87 7.04
CA GLY A 242 -27.64 20.64 6.45
C GLY A 242 -27.82 22.15 6.52
N LYS A 243 -28.83 22.62 7.24
CA LYS A 243 -29.13 24.06 7.30
C LYS A 243 -28.52 24.67 8.57
N VAL A 244 -27.92 25.87 8.45
CA VAL A 244 -27.44 26.61 9.62
C VAL A 244 -28.67 27.18 10.31
N VAL A 245 -28.97 26.69 11.49
CA VAL A 245 -30.17 27.06 12.22
C VAL A 245 -29.89 28.00 13.37
N ARG A 246 -28.63 28.09 13.84
CA ARG A 246 -28.25 29.01 14.90
C ARG A 246 -26.85 29.49 14.57
N ASP A 247 -26.58 30.78 14.76
CA ASP A 247 -25.22 31.30 14.61
C ASP A 247 -25.07 32.57 15.42
N LEU A 248 -23.82 33.00 15.52
CA LEU A 248 -23.46 34.22 16.24
C LEU A 248 -22.03 34.59 15.88
N TRP A 249 -21.77 35.89 15.65
CA TRP A 249 -20.42 36.42 15.55
C TRP A 249 -20.03 37.00 16.91
N LEU A 250 -18.81 36.74 17.34
CA LEU A 250 -18.25 37.19 18.60
C LEU A 250 -16.73 37.29 18.42
N GLU A 251 -16.02 37.57 19.52
CA GLU A 251 -14.56 37.68 19.45
C GLU A 251 -13.98 36.92 20.64
N ALA A 252 -12.74 36.42 20.46
CA ALA A 252 -11.97 35.90 21.58
C ALA A 252 -11.23 37.05 22.27
N PRO A 253 -10.83 36.93 23.55
CA PRO A 253 -10.12 38.02 24.23
C PRO A 253 -8.77 38.39 23.65
N TRP A 254 -8.13 37.43 22.99
CA TRP A 254 -6.90 37.60 22.23
C TRP A 254 -7.01 36.66 21.03
N CYS A 255 -6.12 36.78 20.04
CA CYS A 255 -6.17 35.81 18.95
C CYS A 255 -5.46 34.56 19.43
N ALA A 256 -6.29 33.62 19.93
CA ALA A 256 -5.87 32.44 20.64
C ALA A 256 -6.07 31.20 19.77
N PHE A 257 -5.35 30.13 20.14
CA PHE A 257 -5.45 28.86 19.41
C PHE A 257 -6.60 28.10 20.09
N ILE A 258 -7.77 28.13 19.45
CA ILE A 258 -8.99 27.51 20.00
C ILE A 258 -9.20 26.19 19.29
N HIS A 259 -8.48 25.16 19.76
CA HIS A 259 -8.48 23.89 19.05
C HIS A 259 -9.79 23.13 19.24
N ASP A 260 -10.25 23.06 20.48
CA ASP A 260 -11.36 22.16 20.82
C ASP A 260 -12.36 22.92 21.67
N CYS A 261 -13.42 22.22 22.06
CA CYS A 261 -14.57 22.79 22.72
C CYS A 261 -15.29 21.67 23.46
N ALA A 262 -16.32 22.05 24.23
CA ALA A 262 -17.18 21.03 24.84
C ALA A 262 -18.62 21.48 24.64
N LEU A 263 -19.49 20.49 24.35
CA LEU A 263 -20.91 20.71 24.13
C LEU A 263 -21.68 20.22 25.35
N THR A 264 -22.61 21.09 25.82
CA THR A 264 -23.49 20.77 26.94
C THR A 264 -24.92 21.04 26.50
N PRO A 265 -25.97 20.70 27.29
CA PRO A 265 -27.30 20.98 26.78
C PRO A 265 -27.57 22.43 26.40
N ASN A 266 -26.99 23.35 27.17
CA ASN A 266 -27.31 24.77 27.01
C ASN A 266 -26.13 25.64 26.55
N TYR A 267 -24.94 25.01 26.35
CA TYR A 267 -23.75 25.81 26.03
C TYR A 267 -22.87 25.10 25.03
N LEU A 268 -22.18 25.93 24.25
CA LEU A 268 -20.95 25.49 23.59
C LEU A 268 -19.82 26.24 24.30
N VAL A 269 -18.82 25.49 24.75
CA VAL A 269 -17.76 26.09 25.57
C VAL A 269 -16.44 25.93 24.80
N LEU A 270 -15.85 27.07 24.40
CA LEU A 270 -14.61 27.07 23.64
C LEU A 270 -13.42 27.02 24.60
N MET A 271 -12.36 26.28 24.22
CA MET A 271 -11.22 26.05 25.11
C MET A 271 -10.01 26.76 24.48
N LEU A 272 -9.48 27.80 25.13
CA LEU A 272 -8.35 28.57 24.56
C LEU A 272 -7.02 28.11 25.09
N TRP A 273 -6.16 27.65 24.17
CA TRP A 273 -4.78 27.33 24.55
C TRP A 273 -4.00 28.65 24.64
N PRO A 274 -2.93 28.68 25.49
CA PRO A 274 -2.09 29.87 25.69
C PRO A 274 -1.08 30.13 24.59
N PHE A 275 -1.60 30.19 23.34
CA PHE A 275 -0.81 30.65 22.21
C PHE A 275 -1.45 31.94 21.72
N GLU A 276 -0.63 32.86 21.20
CA GLU A 276 -1.15 34.04 20.57
C GLU A 276 -0.57 34.16 19.17
N ALA A 277 -1.44 34.65 18.27
CA ALA A 277 -1.04 34.91 16.89
C ALA A 277 -0.57 36.36 16.74
N ASN A 278 0.44 36.57 15.90
CA ASN A 278 0.96 37.92 15.71
C ASN A 278 1.23 38.10 14.21
N LEU A 279 0.53 39.05 13.57
CA LEU A 279 0.67 39.28 12.14
C LEU A 279 2.08 39.77 11.79
N GLU A 280 2.67 40.66 12.60
CA GLU A 280 4.02 41.17 12.32
C GLU A 280 5.02 40.02 12.31
N ARG A 281 4.95 39.10 13.27
CA ARG A 281 5.84 37.95 13.31
C ARG A 281 5.68 37.12 12.03
N MET A 282 4.43 36.90 11.61
CA MET A 282 4.19 36.08 10.41
C MET A 282 4.76 36.81 9.19
N LYS A 283 4.56 38.13 9.09
CA LYS A 283 5.13 38.83 7.94
C LYS A 283 6.66 38.72 7.92
N ALA A 284 7.29 38.65 9.10
CA ALA A 284 8.73 38.51 9.22
C ALA A 284 9.20 37.08 9.01
N GLY A 285 8.24 36.17 8.69
CA GLY A 285 8.60 34.80 8.36
C GLY A 285 8.64 33.84 9.55
N GLY A 286 8.10 34.28 10.69
CA GLY A 286 8.07 33.45 11.87
C GLY A 286 6.77 32.65 11.95
N HIS A 287 6.66 31.88 13.03
CA HIS A 287 5.48 31.03 13.22
C HIS A 287 4.24 31.85 13.49
N HIS A 288 3.10 31.30 13.08
CA HIS A 288 1.78 31.88 13.38
C HIS A 288 1.59 32.03 14.89
N TRP A 289 1.82 30.95 15.63
CA TRP A 289 1.59 30.90 17.06
C TRP A 289 2.89 30.95 17.84
N ALA A 290 2.81 31.57 19.04
CA ALA A 290 3.86 31.47 20.04
C ALA A 290 3.22 31.22 21.40
N TYR A 291 3.74 30.23 22.14
CA TYR A 291 3.27 29.91 23.47
C TYR A 291 3.54 31.08 24.41
N ASP A 292 2.61 31.37 25.32
CA ASP A 292 2.80 32.45 26.26
C ASP A 292 2.49 31.92 27.66
N TYR A 293 3.54 31.81 28.52
CA TYR A 293 3.39 31.36 29.90
C TYR A 293 2.51 32.28 30.73
N THR A 294 2.33 33.52 30.30
CA THR A 294 1.54 34.49 31.07
C THR A 294 0.05 34.42 30.71
N LYS A 295 -0.34 33.65 29.66
CA LYS A 295 -1.75 33.55 29.33
C LYS A 295 -2.36 32.43 30.19
N PRO A 296 -3.52 32.67 30.84
CA PRO A 296 -4.18 31.59 31.58
C PRO A 296 -5.05 30.81 30.57
N ILE A 297 -5.22 29.51 30.89
CA ILE A 297 -6.26 28.75 30.18
C ILE A 297 -7.57 29.51 30.32
N THR A 298 -8.25 29.75 29.19
CA THR A 298 -9.44 30.58 29.18
C THR A 298 -10.53 29.80 28.45
N TRP A 299 -11.77 29.98 28.90
CA TRP A 299 -12.95 29.31 28.37
C TRP A 299 -13.93 30.37 27.93
N ILE A 300 -14.53 30.19 26.76
CA ILE A 300 -15.62 31.08 26.34
C ILE A 300 -16.91 30.29 26.36
N THR A 301 -17.85 30.72 27.22
CA THR A 301 -19.16 30.09 27.26
C THR A 301 -20.10 30.81 26.26
N ILE A 302 -20.73 30.04 25.38
CA ILE A 302 -21.63 30.58 24.37
C ILE A 302 -22.97 29.92 24.64
N PRO A 303 -23.97 30.63 25.23
CA PRO A 303 -25.27 29.96 25.40
C PRO A 303 -25.78 29.56 24.03
N ARG A 304 -26.27 28.32 23.93
CA ARG A 304 -26.70 27.84 22.61
C ARG A 304 -27.90 28.65 22.15
N GLY A 305 -27.90 29.00 20.87
CA GLY A 305 -28.93 29.87 20.30
C GLY A 305 -28.82 31.31 20.79
N ALA A 306 -27.69 31.74 21.37
CA ALA A 306 -27.56 33.12 21.86
C ALA A 306 -27.92 34.10 20.75
N LYS A 307 -28.51 35.25 21.16
CA LYS A 307 -28.87 36.24 20.16
C LYS A 307 -27.95 37.46 20.17
N SER A 308 -27.11 37.57 21.21
CA SER A 308 -26.21 38.70 21.30
C SER A 308 -24.88 38.16 21.82
N LYS A 309 -23.79 38.76 21.32
CA LYS A 309 -22.47 38.50 21.89
C LYS A 309 -22.39 38.94 23.36
N ASP A 310 -23.34 39.76 23.84
CA ASP A 310 -23.37 40.16 25.25
C ASP A 310 -23.64 38.96 26.19
N GLU A 311 -24.18 37.86 25.64
CA GLU A 311 -24.47 36.68 26.44
C GLU A 311 -23.23 35.80 26.65
N VAL A 312 -22.17 36.05 25.88
CA VAL A 312 -20.96 35.24 25.92
C VAL A 312 -20.12 35.72 27.10
N LYS A 313 -19.48 34.76 27.80
CA LYS A 313 -18.62 35.13 28.93
C LYS A 313 -17.26 34.45 28.81
N TYR A 314 -16.22 35.12 29.30
CA TYR A 314 -14.86 34.58 29.34
C TYR A 314 -14.53 34.19 30.78
N TRP A 315 -13.95 33.00 30.95
CA TRP A 315 -13.58 32.45 32.25
C TRP A 315 -12.11 32.07 32.21
N HIS A 316 -11.40 32.11 33.32
CA HIS A 316 -9.96 31.88 33.26
C HIS A 316 -9.49 31.09 34.48
N TRP A 317 -8.43 30.30 34.25
CA TRP A 317 -7.72 29.61 35.33
C TRP A 317 -6.28 30.12 35.38
N LYS A 318 -5.30 29.28 34.97
CA LYS A 318 -3.87 29.52 35.08
C LYS A 318 -3.24 28.97 33.81
N ASN A 319 -1.94 29.21 33.63
CA ASN A 319 -1.31 28.72 32.41
C ASN A 319 -1.20 27.19 32.41
N GLY A 320 -1.32 26.63 31.18
CA GLY A 320 -1.19 25.20 30.90
C GLY A 320 -1.86 24.95 29.56
N MET A 321 -1.85 23.67 29.14
CA MET A 321 -2.31 23.33 27.80
C MET A 321 -3.24 22.14 27.89
N PRO A 322 -4.59 22.38 27.92
CA PRO A 322 -5.56 21.29 27.97
C PRO A 322 -5.86 21.05 26.47
N ILE A 323 -5.40 19.90 25.98
CA ILE A 323 -5.31 19.71 24.53
C ILE A 323 -6.69 19.39 23.95
N HIS A 324 -7.36 18.37 24.49
CA HIS A 324 -8.65 17.93 24.00
C HIS A 324 -9.61 17.72 25.17
N THR A 325 -10.88 17.97 24.92
CA THR A 325 -11.93 17.58 25.85
C THR A 325 -12.33 16.13 25.60
N ALA A 326 -12.73 15.43 26.68
CA ALA A 326 -13.54 14.23 26.51
C ALA A 326 -14.94 14.63 26.07
N SER A 327 -15.70 15.21 27.01
CA SER A 327 -16.91 15.91 26.67
C SER A 327 -17.26 16.82 27.85
N GLY A 328 -18.45 17.40 27.78
CA GLY A 328 -18.97 18.19 28.88
C GLY A 328 -20.43 17.86 29.14
N PHE A 329 -20.89 18.41 30.29
CA PHE A 329 -22.31 18.30 30.60
C PHE A 329 -22.63 19.34 31.68
N GLU A 330 -23.95 19.43 32.03
CA GLU A 330 -24.31 20.30 33.16
C GLU A 330 -24.77 19.43 34.31
N ASP A 331 -24.26 19.73 35.51
CA ASP A 331 -24.57 18.92 36.70
C ASP A 331 -26.00 19.28 37.21
N GLU A 332 -26.36 18.70 38.35
CA GLU A 332 -27.69 18.91 38.92
C GLU A 332 -27.91 20.36 39.37
N GLN A 333 -26.85 21.18 39.54
CA GLN A 333 -26.96 22.59 39.88
C GLN A 333 -26.73 23.52 38.69
N GLY A 334 -26.68 22.95 37.48
CA GLY A 334 -26.51 23.72 36.25
C GLY A 334 -25.03 24.10 35.98
N ARG A 335 -24.10 23.52 36.74
CA ARG A 335 -22.69 23.87 36.57
C ARG A 335 -22.15 23.09 35.37
N ILE A 336 -21.28 23.77 34.58
CA ILE A 336 -20.62 23.13 33.43
C ILE A 336 -19.45 22.29 33.94
N ILE A 337 -19.49 20.99 33.59
CA ILE A 337 -18.44 20.06 33.95
C ILE A 337 -17.81 19.58 32.64
N ILE A 338 -16.46 19.70 32.58
CA ILE A 338 -15.73 19.33 31.36
C ILE A 338 -14.50 18.54 31.79
N ASP A 339 -14.27 17.38 31.18
CA ASP A 339 -12.99 16.71 31.39
C ASP A 339 -12.09 16.94 30.18
N SER A 340 -10.79 17.04 30.45
CA SER A 340 -9.84 17.24 29.38
C SER A 340 -8.50 16.71 29.77
N SER A 341 -7.63 16.53 28.76
CA SER A 341 -6.21 16.41 29.10
C SER A 341 -5.69 17.75 29.65
N LEU A 342 -4.59 17.65 30.41
CA LEU A 342 -3.91 18.86 30.87
C LEU A 342 -2.41 18.60 30.91
N VAL A 343 -1.71 19.33 30.03
CA VAL A 343 -0.24 19.31 30.06
C VAL A 343 0.18 20.63 30.72
N HIS A 344 1.04 20.52 31.74
CA HIS A 344 1.38 21.67 32.58
C HIS A 344 2.53 22.45 31.96
N GLY A 345 2.30 22.90 30.68
CA GLY A 345 3.36 23.53 29.89
C GLY A 345 3.07 23.31 28.40
N ASN A 346 4.09 23.48 27.58
CA ASN A 346 3.88 23.48 26.13
C ASN A 346 4.02 22.08 25.54
N ALA A 347 2.90 21.50 25.08
CA ALA A 347 2.93 20.21 24.38
C ALA A 347 3.21 20.36 22.89
N PHE A 348 3.30 21.58 22.38
CA PHE A 348 3.72 21.81 20.99
C PHE A 348 5.01 22.63 21.07
N PRO A 349 6.14 22.02 21.51
CA PRO A 349 7.35 22.83 21.72
C PRO A 349 7.91 23.42 20.42
N PHE A 350 7.48 22.88 19.27
CA PHE A 350 7.83 23.43 17.97
C PHE A 350 7.22 24.80 17.67
N PHE A 351 6.31 25.27 18.53
CA PHE A 351 5.85 26.65 18.50
C PHE A 351 6.22 27.29 19.84
N PRO A 352 7.51 27.63 20.00
CA PRO A 352 7.97 28.17 21.30
C PRO A 352 7.49 29.59 21.54
N PRO A 353 7.74 30.15 22.76
CA PRO A 353 7.42 31.56 23.00
C PRO A 353 8.18 32.54 22.13
N ASP A 354 7.69 33.77 22.14
CA ASP A 354 8.26 34.86 21.38
C ASP A 354 9.47 35.45 22.13
N SER A 355 9.34 35.66 23.45
CA SER A 355 10.36 36.44 24.15
C SER A 355 11.52 35.53 24.53
N ASP A 356 12.72 36.14 24.65
CA ASP A 356 13.89 35.39 25.07
C ASP A 356 13.72 34.69 26.41
N GLU A 357 13.16 35.39 27.42
CA GLU A 357 13.03 34.83 28.75
C GLU A 357 12.12 33.60 28.74
N GLN A 358 10.98 33.70 28.01
CA GLN A 358 10.04 32.58 28.02
C GLN A 358 10.62 31.40 27.22
N LYS A 359 11.37 31.65 26.15
CA LYS A 359 12.01 30.59 25.40
C LYS A 359 12.95 29.82 26.32
N LYS A 360 13.71 30.56 27.18
CA LYS A 360 14.65 29.89 28.06
C LYS A 360 13.92 28.99 29.07
N LYS A 361 12.74 29.44 29.55
CA LYS A 361 11.95 28.60 30.41
C LYS A 361 11.49 27.29 29.72
N GLN A 362 11.03 27.42 28.48
CA GLN A 362 10.55 26.20 27.82
C GLN A 362 11.69 25.17 27.69
N GLU A 363 12.88 25.66 27.33
CA GLU A 363 14.02 24.76 27.13
C GLU A 363 14.41 24.14 28.46
N ALA A 364 14.44 24.96 29.52
CA ALA A 364 14.81 24.44 30.84
C ALA A 364 13.81 23.40 31.36
N ASP A 365 12.53 23.65 31.15
CA ASP A 365 11.52 22.74 31.71
C ASP A 365 11.43 21.39 31.01
N GLY A 366 11.67 21.36 29.68
CA GLY A 366 11.53 20.12 28.90
C GLY A 366 10.08 19.60 28.93
N THR A 367 9.92 18.26 28.94
CA THR A 367 8.60 17.67 28.96
C THR A 367 7.83 17.99 30.25
N PRO A 368 6.65 18.66 30.18
CA PRO A 368 5.85 18.94 31.36
C PRO A 368 5.08 17.73 31.90
N LYS A 369 4.63 17.83 33.16
CA LYS A 369 3.66 16.91 33.75
C LYS A 369 2.36 16.92 32.91
N ALA A 370 1.76 15.75 32.79
CA ALA A 370 0.57 15.59 31.97
C ALA A 370 -0.41 14.66 32.67
N GLN A 371 -1.70 15.08 32.70
CA GLN A 371 -2.73 14.40 33.46
C GLN A 371 -4.05 14.47 32.68
N PHE A 372 -5.10 13.84 33.24
CA PHE A 372 -6.47 13.99 32.76
C PHE A 372 -7.26 14.59 33.91
N VAL A 373 -8.00 15.67 33.65
CA VAL A 373 -8.59 16.48 34.73
C VAL A 373 -10.05 16.83 34.46
N ARG A 374 -10.71 17.40 35.48
CA ARG A 374 -12.09 17.80 35.43
C ARG A 374 -12.24 19.25 35.89
N TRP A 375 -12.87 20.04 35.05
CA TRP A 375 -13.14 21.46 35.26
C TRP A 375 -14.58 21.67 35.68
N THR A 376 -14.80 22.69 36.55
CA THR A 376 -16.13 23.10 36.97
C THR A 376 -16.29 24.60 36.70
N ILE A 377 -17.22 24.95 35.80
CA ILE A 377 -17.53 26.35 35.54
C ILE A 377 -18.98 26.56 35.97
N ASP A 378 -19.12 27.27 37.11
CA ASP A 378 -20.46 27.54 37.63
C ASP A 378 -20.95 28.90 37.09
N PRO A 379 -21.95 28.90 36.16
CA PRO A 379 -22.40 30.12 35.52
C PRO A 379 -23.02 31.16 36.47
N ARG A 380 -23.29 30.76 37.73
CA ARG A 380 -23.81 31.68 38.73
C ARG A 380 -22.69 32.56 39.30
N LYS A 381 -21.43 32.11 39.14
CA LYS A 381 -20.28 32.80 39.73
C LYS A 381 -19.90 34.00 38.88
N ASP A 382 -19.14 34.93 39.48
CA ASP A 382 -18.58 36.03 38.71
C ASP A 382 -17.46 35.48 37.79
N ASN A 383 -17.64 35.65 36.47
CA ASN A 383 -16.66 35.12 35.50
C ASN A 383 -15.31 35.84 35.59
N ASN A 384 -15.22 37.01 36.27
CA ASN A 384 -13.95 37.67 36.49
C ASN A 384 -13.11 37.00 37.59
N GLU A 385 -13.73 36.14 38.42
CA GLU A 385 -13.00 35.43 39.45
C GLU A 385 -12.36 34.18 38.82
N GLN A 386 -11.10 33.96 39.16
CA GLN A 386 -10.34 32.77 38.74
C GLN A 386 -11.16 31.52 39.06
N LEU A 387 -11.25 30.61 38.07
CA LEU A 387 -11.86 29.29 38.27
C LEU A 387 -11.15 28.48 39.35
N PRO A 388 -11.87 27.52 39.99
CA PRO A 388 -11.25 26.58 40.90
C PRO A 388 -10.28 25.67 40.14
N ASP A 389 -9.28 25.17 40.85
CA ASP A 389 -8.32 24.29 40.22
C ASP A 389 -9.04 23.01 39.76
N PRO A 390 -8.68 22.47 38.57
CA PRO A 390 -9.33 21.24 38.12
C PRO A 390 -8.94 20.06 39.00
N GLU A 391 -9.85 19.10 39.07
CA GLU A 391 -9.62 17.88 39.82
C GLU A 391 -8.83 16.90 38.96
N VAL A 392 -7.81 16.25 39.52
CA VAL A 392 -7.05 15.24 38.80
C VAL A 392 -7.86 13.96 38.77
N ILE A 393 -8.14 13.46 37.55
CA ILE A 393 -8.90 12.23 37.36
C ILE A 393 -7.94 11.09 37.10
N LEU A 394 -7.03 11.25 36.15
CA LEU A 394 -5.95 10.30 35.94
C LEU A 394 -4.61 11.01 36.08
N ASP A 395 -3.75 10.52 36.98
CA ASP A 395 -2.43 11.10 37.11
C ASP A 395 -1.47 10.32 36.21
N THR A 396 -1.75 10.32 34.89
CA THR A 396 -0.87 9.74 33.90
C THR A 396 -1.04 10.57 32.63
N PRO A 397 0.01 10.71 31.81
CA PRO A 397 -0.15 11.40 30.53
C PRO A 397 -1.27 10.73 29.73
N SER A 398 -2.20 11.59 29.26
CA SER A 398 -3.49 11.18 28.72
C SER A 398 -3.77 12.09 27.52
N GLU A 399 -4.29 11.52 26.43
CA GLU A 399 -4.59 12.40 25.29
C GLU A 399 -5.64 11.66 24.45
N PHE A 400 -6.08 12.31 23.36
CA PHE A 400 -7.03 11.74 22.41
C PHE A 400 -8.17 11.02 23.11
N PRO A 401 -8.92 11.68 24.02
CA PRO A 401 -10.12 11.07 24.57
C PRO A 401 -11.30 11.12 23.61
N GLN A 402 -12.14 10.08 23.66
CA GLN A 402 -13.44 10.07 23.01
C GLN A 402 -14.45 9.52 24.00
N ILE A 403 -15.74 9.63 23.66
CA ILE A 403 -16.80 9.16 24.54
C ILE A 403 -17.76 8.26 23.76
N ASP A 404 -18.86 7.90 24.41
CA ASP A 404 -20.01 7.25 23.76
C ASP A 404 -20.92 8.36 23.25
N ASN A 405 -20.91 8.57 21.93
CA ASN A 405 -21.52 9.76 21.32
C ASN A 405 -23.04 9.73 21.41
N ARG A 406 -23.60 8.60 21.86
CA ARG A 406 -25.03 8.63 22.20
C ARG A 406 -25.30 9.56 23.39
N PHE A 407 -24.22 9.97 24.09
CA PHE A 407 -24.32 10.87 25.23
C PHE A 407 -23.60 12.20 24.94
N MET A 408 -23.40 12.51 23.64
CA MET A 408 -22.75 13.76 23.30
C MET A 408 -23.72 14.91 23.55
N GLY A 409 -23.24 15.92 24.29
CA GLY A 409 -24.02 17.11 24.62
C GLY A 409 -24.98 16.90 25.81
N VAL A 410 -24.93 15.76 26.48
CA VAL A 410 -25.69 15.50 27.70
C VAL A 410 -24.76 14.89 28.74
N GLU A 411 -25.29 14.57 29.95
CA GLU A 411 -24.45 13.90 30.92
C GLU A 411 -23.90 12.59 30.33
N TYR A 412 -22.58 12.42 30.48
CA TYR A 412 -21.88 11.25 30.01
C TYR A 412 -21.02 10.72 31.15
N SER A 413 -20.63 9.44 31.05
CA SER A 413 -19.83 8.78 32.06
C SER A 413 -18.57 8.10 31.49
N SER A 414 -18.70 7.35 30.38
CA SER A 414 -17.53 6.67 29.80
C SER A 414 -16.64 7.67 29.08
N ALA A 415 -15.35 7.51 29.27
CA ALA A 415 -14.33 8.14 28.42
C ALA A 415 -13.31 7.08 28.03
N PHE A 416 -12.96 7.07 26.73
CA PHE A 416 -11.96 6.18 26.18
C PHE A 416 -10.74 7.04 25.89
N ILE A 417 -9.59 6.77 26.53
CA ILE A 417 -8.49 7.74 26.58
C ILE A 417 -7.21 7.04 26.14
N ASN A 418 -6.41 7.73 25.30
CA ASN A 418 -5.09 7.23 24.92
C ASN A 418 -4.13 7.60 26.05
N VAL A 419 -3.40 6.61 26.57
CA VAL A 419 -2.60 6.87 27.77
C VAL A 419 -1.17 6.38 27.62
N PHE A 420 -0.29 7.00 28.43
CA PHE A 420 0.98 6.37 28.81
C PHE A 420 0.65 5.43 29.96
N VAL A 421 0.89 4.14 29.77
CA VAL A 421 0.44 3.17 30.76
C VAL A 421 1.29 3.31 32.03
N PRO A 422 0.67 3.49 33.22
CA PRO A 422 1.46 3.67 34.46
C PRO A 422 2.47 2.53 34.65
N ASP A 423 3.74 2.91 34.92
CA ASP A 423 4.84 1.99 35.24
C ASP A 423 5.38 1.26 34.02
N ARG A 424 4.88 1.58 32.82
CA ARG A 424 5.25 0.88 31.60
C ARG A 424 5.41 1.88 30.46
N SER A 425 5.77 3.12 30.81
CA SER A 425 5.85 4.18 29.83
C SER A 425 6.98 5.14 30.21
N ASP A 426 7.36 5.97 29.22
CA ASP A 426 8.45 6.91 29.37
C ASP A 426 7.88 8.31 29.56
N GLY A 427 7.86 8.76 30.83
CA GLY A 427 7.28 10.04 31.22
C GLY A 427 8.03 11.24 30.64
N ASN A 428 9.24 11.00 30.09
CA ASN A 428 10.01 12.10 29.52
C ASN A 428 9.63 12.35 28.07
N LYS A 429 8.82 11.47 27.44
CA LYS A 429 8.39 11.72 26.07
C LYS A 429 7.28 12.79 26.08
N ASN A 430 7.33 13.66 25.07
CA ASN A 430 6.21 14.54 24.75
C ASN A 430 4.92 13.69 24.76
N VAL A 431 3.80 14.32 25.13
CA VAL A 431 2.55 13.61 25.38
C VAL A 431 2.08 12.84 24.12
N PHE A 432 2.42 13.32 22.92
CA PHE A 432 1.93 12.65 21.70
C PHE A 432 2.82 11.48 21.31
N GLN A 433 3.94 11.26 22.02
CA GLN A 433 4.96 10.33 21.53
C GLN A 433 5.16 9.10 22.41
N GLY A 434 4.46 8.99 23.53
CA GLY A 434 4.63 7.81 24.39
C GLY A 434 3.35 7.05 24.67
N LEU A 435 2.34 7.22 23.80
CA LEU A 435 1.00 6.68 24.10
C LEU A 435 0.97 5.20 23.71
N ASN A 436 1.02 4.34 24.74
CA ASN A 436 1.15 2.89 24.54
C ASN A 436 0.02 2.10 25.19
N GLY A 437 -1.06 2.80 25.56
CA GLY A 437 -2.23 2.10 26.04
C GLY A 437 -3.53 2.87 25.88
N LEU A 438 -4.61 2.21 26.27
CA LEU A 438 -5.91 2.88 26.36
C LEU A 438 -6.44 2.74 27.77
N ALA A 439 -7.29 3.70 28.15
CA ALA A 439 -8.03 3.57 29.39
C ALA A 439 -9.51 3.70 29.12
N HIS A 440 -10.34 2.90 29.81
CA HIS A 440 -11.78 3.12 29.81
C HIS A 440 -12.15 3.61 31.20
N TYR A 441 -12.34 4.90 31.34
CA TYR A 441 -12.72 5.56 32.58
C TYR A 441 -14.24 5.67 32.64
N LYS A 442 -14.81 5.38 33.81
CA LYS A 442 -16.26 5.53 34.02
C LYS A 442 -16.47 6.42 35.24
N ARG A 443 -16.99 7.63 34.99
CA ARG A 443 -17.18 8.59 36.08
C ARG A 443 -18.19 8.04 37.09
N LYS A 444 -19.29 7.44 36.61
CA LYS A 444 -20.37 7.09 37.57
C LYS A 444 -19.87 6.02 38.54
N GLU A 445 -19.19 5.00 38.02
CA GLU A 445 -18.64 3.93 38.85
C GLU A 445 -17.32 4.36 39.50
N GLY A 446 -16.58 5.32 38.94
CA GLY A 446 -15.31 5.80 39.48
C GLY A 446 -14.12 4.91 39.12
N THR A 447 -14.29 4.02 38.13
CA THR A 447 -13.34 2.97 37.81
C THR A 447 -12.57 3.34 36.55
N THR A 448 -11.37 2.78 36.41
CA THR A 448 -10.59 2.87 35.19
C THR A 448 -10.08 1.47 34.85
N GLU A 449 -10.30 1.02 33.61
CA GLU A 449 -9.73 -0.19 33.06
C GLU A 449 -8.69 0.16 32.01
N TRP A 450 -7.73 -0.73 31.78
CA TRP A 450 -6.50 -0.42 31.04
C TRP A 450 -6.23 -1.50 30.00
N TYR A 451 -5.89 -1.06 28.78
CA TYR A 451 -5.41 -1.92 27.71
C TYR A 451 -3.97 -1.54 27.40
N TYR A 452 -3.06 -2.53 27.39
CA TYR A 452 -1.66 -2.29 27.02
C TYR A 452 -1.45 -2.67 25.55
N ALA A 453 -0.85 -1.77 24.77
CA ALA A 453 -0.70 -2.01 23.34
C ALA A 453 0.29 -3.16 23.05
N GLY A 454 1.29 -3.30 23.92
CA GLY A 454 2.33 -4.30 23.74
C GLY A 454 3.72 -3.67 23.80
N ASP A 455 4.74 -4.51 24.08
CA ASP A 455 6.12 -4.06 23.97
C ASP A 455 6.44 -3.68 22.53
N ASN A 456 7.18 -2.57 22.38
CA ASN A 456 7.60 -1.98 21.11
C ASN A 456 6.37 -1.63 20.25
N CYS A 457 5.29 -1.22 20.93
CA CYS A 457 4.07 -0.78 20.24
C CYS A 457 3.67 0.59 20.75
N LEU A 458 3.03 1.37 19.87
CA LEU A 458 2.23 2.52 20.25
C LEU A 458 0.80 2.22 19.83
N ILE A 459 -0.14 2.94 20.45
CA ILE A 459 -1.55 2.82 20.07
C ILE A 459 -2.11 4.24 19.97
N GLN A 460 -3.00 4.43 18.99
CA GLN A 460 -3.53 5.76 18.66
C GLN A 460 -4.95 5.92 19.24
N GLU A 461 -5.60 7.05 18.92
CA GLU A 461 -6.86 7.44 19.58
C GLU A 461 -7.90 6.32 19.43
N PRO A 462 -8.61 5.97 20.52
CA PRO A 462 -9.69 4.97 20.42
C PRO A 462 -10.99 5.57 19.90
N VAL A 463 -11.77 4.71 19.25
CA VAL A 463 -13.16 5.02 18.93
C VAL A 463 -14.06 3.91 19.44
N PHE A 464 -15.33 4.27 19.70
CA PHE A 464 -16.25 3.30 20.32
C PHE A 464 -17.46 3.05 19.40
N SER A 465 -17.86 1.79 19.36
CA SER A 465 -19.10 1.43 18.67
C SER A 465 -19.98 0.66 19.67
N PRO A 466 -21.23 1.09 19.94
CA PRO A 466 -22.06 0.35 20.91
C PRO A 466 -22.41 -1.06 20.43
N ARG A 467 -22.58 -1.98 21.39
CA ARG A 467 -22.86 -3.36 21.01
C ARG A 467 -24.16 -3.45 20.20
N SER A 468 -25.15 -2.60 20.53
CA SER A 468 -26.39 -2.38 19.79
C SER A 468 -26.88 -0.97 20.12
N LYS A 469 -27.92 -0.50 19.39
CA LYS A 469 -28.40 0.88 19.55
C LYS A 469 -28.83 1.17 20.98
N ASP A 470 -29.37 0.16 21.69
CA ASP A 470 -29.82 0.39 23.08
C ASP A 470 -28.98 -0.33 24.11
N ALA A 471 -27.73 -0.69 23.75
CA ALA A 471 -26.78 -1.17 24.76
C ALA A 471 -26.56 -0.08 25.82
N PRO A 472 -26.20 -0.44 27.07
CA PRO A 472 -25.85 0.56 28.09
C PRO A 472 -24.67 1.41 27.62
N GLU A 473 -24.55 2.59 28.24
CA GLU A 473 -23.43 3.48 27.90
C GLU A 473 -22.10 2.76 28.04
N GLY A 474 -21.26 2.89 26.99
CA GLY A 474 -19.90 2.34 27.02
C GLY A 474 -19.87 0.82 26.94
N ASP A 475 -20.99 0.16 26.56
CA ASP A 475 -20.97 -1.28 26.29
C ASP A 475 -20.90 -1.54 24.80
N GLY A 476 -19.77 -2.15 24.39
CA GLY A 476 -19.59 -2.41 22.97
C GLY A 476 -18.12 -2.64 22.67
N PHE A 477 -17.65 -2.02 21.57
CA PHE A 477 -16.31 -2.33 21.10
C PHE A 477 -15.51 -1.04 20.98
N VAL A 478 -14.22 -1.18 21.24
CA VAL A 478 -13.25 -0.08 21.10
C VAL A 478 -12.25 -0.51 20.04
N LEU A 479 -12.01 0.39 19.08
CA LEU A 479 -11.07 0.15 18.01
C LEU A 479 -9.98 1.21 18.05
N ALA A 480 -8.76 0.80 17.69
CA ALA A 480 -7.68 1.78 17.61
C ALA A 480 -6.57 1.24 16.73
N ILE A 481 -5.79 2.13 16.15
CA ILE A 481 -4.61 1.72 15.35
C ILE A 481 -3.40 1.48 16.25
N VAL A 482 -2.78 0.31 16.08
CA VAL A 482 -1.55 -0.05 16.77
C VAL A 482 -0.39 -0.04 15.80
N ASP A 483 0.68 0.67 16.17
CA ASP A 483 1.95 0.64 15.44
C ASP A 483 2.80 -0.51 15.99
N ARG A 484 3.00 -1.56 15.17
CA ARG A 484 3.88 -2.66 15.55
C ARG A 484 5.30 -2.26 15.15
N LEU A 485 5.98 -1.51 16.01
CA LEU A 485 7.18 -0.78 15.62
C LEU A 485 8.32 -1.69 15.16
N ASP A 486 8.44 -2.88 15.73
CA ASP A 486 9.49 -3.81 15.31
C ASP A 486 9.14 -4.54 14.01
N LEU A 487 7.88 -4.41 13.54
CA LEU A 487 7.44 -5.16 12.35
C LEU A 487 7.20 -4.27 11.13
N ASN A 488 7.37 -2.93 11.23
CA ASN A 488 7.06 -1.98 10.17
C ASN A 488 5.67 -2.31 9.64
N ARG A 489 4.70 -2.45 10.57
CA ARG A 489 3.31 -2.57 10.13
C ARG A 489 2.36 -1.92 11.15
N SER A 490 1.12 -1.65 10.70
CA SER A 490 0.05 -1.10 11.50
C SER A 490 -1.10 -2.07 11.49
N GLU A 491 -1.85 -2.09 12.60
CA GLU A 491 -2.98 -2.99 12.74
C GLU A 491 -4.12 -2.23 13.40
N VAL A 492 -5.36 -2.67 13.24
CA VAL A 492 -6.48 -2.17 14.01
C VAL A 492 -6.77 -3.20 15.09
N VAL A 493 -6.76 -2.80 16.36
CA VAL A 493 -7.21 -3.75 17.37
C VAL A 493 -8.68 -3.54 17.68
N VAL A 494 -9.38 -4.61 18.09
CA VAL A 494 -10.79 -4.51 18.43
C VAL A 494 -10.90 -5.10 19.84
N ILE A 495 -11.46 -4.32 20.76
CA ILE A 495 -11.57 -4.71 22.18
C ILE A 495 -13.05 -4.74 22.53
N ASP A 496 -13.53 -5.79 23.20
CA ASP A 496 -14.87 -5.78 23.79
C ASP A 496 -14.79 -5.23 25.21
N THR A 497 -15.61 -4.21 25.50
CA THR A 497 -15.57 -3.55 26.80
C THR A 497 -15.87 -4.49 27.97
N ARG A 498 -16.40 -5.68 27.68
CA ARG A 498 -16.64 -6.62 28.77
C ARG A 498 -15.33 -7.17 29.31
N ASP A 499 -14.24 -7.08 28.54
CA ASP A 499 -12.90 -7.28 29.05
C ASP A 499 -11.96 -6.34 28.32
N PHE A 500 -11.75 -5.17 28.93
CA PHE A 500 -11.01 -4.10 28.28
C PHE A 500 -9.53 -4.46 28.09
N THR A 501 -9.03 -5.42 28.89
CA THR A 501 -7.61 -5.77 28.87
C THR A 501 -7.22 -6.61 27.66
N LYS A 502 -8.21 -7.17 26.93
CA LYS A 502 -7.91 -8.14 25.86
C LYS A 502 -8.48 -7.72 24.51
N ALA A 503 -7.67 -7.85 23.46
CA ALA A 503 -8.18 -7.73 22.10
C ALA A 503 -8.93 -9.00 21.71
N VAL A 504 -10.11 -8.83 21.06
CA VAL A 504 -10.80 -9.98 20.48
C VAL A 504 -10.36 -10.21 19.03
N ALA A 505 -9.85 -9.17 18.35
CA ALA A 505 -9.49 -9.31 16.96
C ALA A 505 -8.43 -8.27 16.63
N ALA A 506 -7.69 -8.55 15.55
CA ALA A 506 -6.76 -7.59 14.97
C ALA A 506 -6.96 -7.60 13.49
N VAL A 507 -7.00 -6.42 12.89
CA VAL A 507 -7.00 -6.27 11.45
C VAL A 507 -5.57 -5.98 11.04
N GLN A 508 -4.97 -6.86 10.25
CA GLN A 508 -3.51 -6.80 10.04
C GLN A 508 -3.25 -6.27 8.63
N LEU A 509 -2.82 -5.01 8.53
CA LEU A 509 -2.34 -4.52 7.24
C LEU A 509 -0.98 -5.16 6.94
N PRO A 510 -0.62 -5.23 5.64
CA PRO A 510 0.68 -5.73 5.23
C PRO A 510 1.79 -4.68 5.25
N PHE A 511 1.50 -3.53 5.86
CA PHE A 511 2.42 -2.37 5.89
C PHE A 511 2.01 -1.48 7.04
N ALA A 512 2.84 -0.45 7.25
CA ALA A 512 2.55 0.59 8.23
C ALA A 512 1.95 1.80 7.53
N ILE A 513 1.07 2.49 8.25
CA ILE A 513 0.53 3.77 7.82
C ILE A 513 1.06 4.84 8.78
N ARG A 514 0.93 6.12 8.38
CA ARG A 514 1.34 7.18 9.30
C ARG A 514 0.55 7.10 10.61
N SER A 515 1.19 7.56 11.71
CA SER A 515 0.47 7.76 12.95
C SER A 515 -0.37 9.02 12.77
N GLY A 516 -1.68 8.92 13.01
CA GLY A 516 -2.60 9.98 12.63
C GLY A 516 -2.95 10.92 13.78
N ILE A 517 -4.01 11.68 13.54
CA ILE A 517 -4.51 12.64 14.52
C ILE A 517 -5.80 12.02 15.06
N HIS A 518 -6.96 12.38 14.50
CA HIS A 518 -8.20 11.80 14.96
C HIS A 518 -8.70 10.81 13.92
N GLY A 519 -9.67 10.02 14.41
CA GLY A 519 -10.48 9.14 13.59
C GLY A 519 -11.88 9.10 14.21
N GLN A 520 -12.77 8.44 13.48
CA GLN A 520 -14.13 8.32 14.01
C GLN A 520 -14.72 7.00 13.57
N TRP A 521 -15.49 6.39 14.49
CA TRP A 521 -16.38 5.30 14.07
C TRP A 521 -17.64 5.93 13.47
N ILE A 522 -17.92 5.56 12.21
N ILE A 522 -17.93 5.56 12.21
CA ILE A 522 -19.10 6.08 11.53
CA ILE A 522 -19.11 6.08 11.54
C ILE A 522 -20.00 4.89 11.25
C ILE A 522 -20.00 4.89 11.23
N PRO A 523 -21.17 4.77 11.92
CA PRO A 523 -22.03 3.61 11.71
C PRO A 523 -22.54 3.53 10.28
N GLY A 524 -22.74 2.31 9.79
CA GLY A 524 -23.27 2.16 8.43
C GLY A 524 -24.65 2.80 8.30
N GLU A 525 -25.40 2.82 9.42
CA GLU A 525 -26.75 3.36 9.42
C GLU A 525 -26.78 4.80 8.91
N VAL A 526 -25.74 5.62 9.18
CA VAL A 526 -25.71 7.04 8.85
C VAL A 526 -24.92 7.29 7.58
N THR A 527 -24.45 6.23 6.91
CA THR A 527 -23.58 6.36 5.77
C THR A 527 -24.44 6.15 4.53
N PRO A 528 -24.60 7.16 3.64
CA PRO A 528 -25.36 6.93 2.41
C PRO A 528 -24.85 5.74 1.63
N ASP A 529 -25.78 4.87 1.19
CA ASP A 529 -25.48 3.76 0.31
C ASP A 529 -24.60 2.68 0.95
N PHE A 530 -24.49 2.67 2.29
CA PHE A 530 -23.69 1.63 2.93
C PHE A 530 -24.19 0.22 2.59
N GLU A 531 -25.51 0.10 2.38
CA GLU A 531 -26.02 -1.24 2.08
C GLU A 531 -25.54 -1.76 0.72
N THR A 532 -25.17 -0.89 -0.22
CA THR A 532 -24.89 -1.34 -1.58
C THR A 532 -23.46 -1.05 -2.05
N LYS A 533 -22.76 -0.14 -1.36
CA LYS A 533 -21.45 0.26 -1.86
C LYS A 533 -20.40 -0.17 -0.85
N GLY A 534 -19.37 -0.87 -1.33
CA GLY A 534 -18.16 -1.14 -0.55
C GLY A 534 -17.11 -0.06 -0.79
N LEU A 535 -16.00 -0.18 -0.05
CA LEU A 535 -14.82 0.63 -0.31
C LEU A 535 -14.15 0.21 -1.61
N VAL A 536 -14.33 -1.05 -2.07
CA VAL A 536 -13.73 -1.53 -3.30
C VAL A 536 -14.88 -1.89 -4.26
N ASP A 537 -14.87 -1.36 -5.48
CA ASP A 537 -15.91 -1.79 -6.41
C ASP A 537 -15.58 -3.18 -6.95
N LEU A 538 -16.60 -4.03 -7.02
CA LEU A 538 -16.39 -5.38 -7.49
C LEU A 538 -16.13 -5.41 -8.98
N PRO A 539 -15.32 -6.37 -9.46
CA PRO A 539 -15.17 -6.56 -10.90
C PRO A 539 -16.47 -7.13 -11.45
N LYS A 540 -16.58 -7.09 -12.79
CA LYS A 540 -17.80 -7.54 -13.44
C LYS A 540 -18.04 -9.04 -13.27
N GLU A 541 -19.33 -9.39 -13.37
CA GLU A 541 -19.72 -10.80 -13.25
C GLU A 541 -19.36 -11.63 -14.49
N GLU A 542 -19.67 -11.09 -15.70
CA GLU A 542 -19.50 -11.86 -16.92
C GLU A 542 -18.03 -12.29 -17.05
N HIS A 543 -17.81 -13.54 -17.48
CA HIS A 543 -16.44 -13.97 -17.76
C HIS A 543 -15.88 -13.26 -18.99
N TRP A 544 -14.56 -12.99 -18.98
CA TRP A 544 -13.90 -12.49 -20.18
C TRP A 544 -13.80 -13.58 -21.23
N ALA A 545 -13.45 -14.80 -20.82
CA ALA A 545 -13.10 -15.86 -21.75
C ALA A 545 -14.35 -16.60 -22.21
N PRO A 546 -14.40 -17.07 -23.48
CA PRO A 546 -15.49 -17.95 -23.91
C PRO A 546 -15.38 -19.32 -23.28
N LEU A 547 -16.55 -19.99 -23.18
CA LEU A 547 -16.63 -21.31 -22.60
C LEU A 547 -15.63 -22.30 -23.23
N SER A 548 -15.41 -22.17 -24.54
CA SER A 548 -14.58 -23.08 -25.32
C SER A 548 -13.12 -23.09 -24.86
N GLN A 549 -12.66 -22.02 -24.17
CA GLN A 549 -11.27 -21.97 -23.78
C GLN A 549 -10.96 -22.75 -22.50
N SER A 550 -11.96 -23.28 -21.79
CA SER A 550 -11.62 -24.02 -20.57
C SER A 550 -10.73 -25.23 -20.86
N PRO A 551 -9.71 -25.52 -20.04
CA PRO A 551 -8.95 -26.76 -20.16
C PRO A 551 -9.83 -28.00 -19.93
N TYR A 552 -10.90 -27.83 -19.17
CA TYR A 552 -11.72 -28.98 -18.77
C TYR A 552 -12.81 -29.27 -19.78
N ASP A 553 -13.01 -30.60 -19.99
CA ASP A 553 -14.10 -31.10 -20.82
C ASP A 553 -14.92 -32.08 -19.98
N PRO A 554 -16.24 -31.84 -19.72
CA PRO A 554 -17.02 -32.77 -18.88
C PRO A 554 -17.12 -34.19 -19.42
N ASP A 555 -16.81 -34.35 -20.72
CA ASP A 555 -16.87 -35.67 -21.39
C ASP A 555 -15.55 -36.42 -21.33
N ALA A 556 -14.47 -35.77 -20.95
CA ALA A 556 -13.16 -36.38 -21.00
C ALA A 556 -12.94 -37.31 -19.79
N TYR B 32 9.11 -10.18 23.98
CA TYR B 32 7.87 -10.87 24.45
C TYR B 32 6.93 -11.09 23.27
N VAL B 33 6.30 -12.26 23.22
CA VAL B 33 5.31 -12.61 22.21
C VAL B 33 4.14 -11.66 22.43
N HIS B 34 3.54 -11.21 21.32
CA HIS B 34 2.38 -10.33 21.41
C HIS B 34 1.12 -11.17 21.56
N PRO B 35 0.25 -10.94 22.57
CA PRO B 35 -1.00 -11.69 22.73
C PRO B 35 -1.88 -11.79 21.50
N THR B 36 -1.93 -10.69 20.70
CA THR B 36 -2.82 -10.70 19.54
C THR B 36 -2.25 -11.57 18.41
N ASP B 37 -0.94 -11.90 18.50
CA ASP B 37 -0.31 -12.69 17.45
C ASP B 37 -0.69 -14.17 17.51
N ILE B 38 -1.18 -14.60 18.67
CA ILE B 38 -1.63 -15.98 18.81
C ILE B 38 -3.14 -16.12 18.57
N LEU B 39 -3.86 -15.03 18.26
CA LEU B 39 -5.25 -15.14 17.82
C LEU B 39 -5.26 -15.86 16.46
N PRO B 40 -6.23 -16.74 16.20
CA PRO B 40 -6.25 -17.51 14.97
C PRO B 40 -6.50 -16.74 13.68
N SER B 41 -5.87 -17.26 12.64
CA SER B 41 -5.94 -16.75 11.29
C SER B 41 -6.65 -17.85 10.48
N GLY B 42 -7.53 -17.40 9.57
CA GLY B 42 -8.13 -18.27 8.57
C GLY B 42 -7.25 -18.42 7.33
N TRP B 43 -6.05 -17.83 7.28
CA TRP B 43 -5.22 -17.99 6.10
C TRP B 43 -4.40 -19.26 6.20
N PRO B 44 -4.34 -20.07 5.11
CA PRO B 44 -3.33 -21.10 5.00
C PRO B 44 -2.02 -20.39 4.63
N THR B 45 -0.93 -21.15 4.70
CA THR B 45 0.37 -20.64 4.30
C THR B 45 0.45 -20.52 2.78
N ALA B 46 0.56 -19.27 2.29
CA ALA B 46 0.55 -18.98 0.86
C ALA B 46 1.92 -18.42 0.49
N THR B 47 2.86 -19.30 0.11
CA THR B 47 4.23 -18.90 -0.20
C THR B 47 4.29 -18.34 -1.62
N ASP B 48 5.32 -17.52 -1.88
CA ASP B 48 5.78 -17.20 -3.22
C ASP B 48 7.09 -17.97 -3.46
N LEU B 49 7.71 -17.79 -4.63
CA LEU B 49 8.88 -18.61 -4.97
C LEU B 49 10.06 -18.38 -4.03
N SER B 50 10.13 -17.20 -3.42
CA SER B 50 11.19 -16.87 -2.46
C SER B 50 11.05 -17.70 -1.19
N GLY B 51 9.85 -18.28 -0.94
CA GLY B 51 9.53 -18.92 0.33
C GLY B 51 8.80 -18.00 1.32
N GLY B 52 8.81 -16.69 1.01
CA GLY B 52 8.06 -15.71 1.81
C GLY B 52 6.57 -16.04 1.81
N ALA B 53 5.88 -15.78 2.93
CA ALA B 53 4.47 -16.18 2.96
C ALA B 53 3.58 -15.04 3.44
N GLN B 54 4.04 -13.79 3.31
CA GLN B 54 3.18 -12.71 3.81
C GLN B 54 2.30 -12.23 2.64
N PRO B 55 0.95 -12.33 2.71
CA PRO B 55 0.09 -11.73 1.69
C PRO B 55 0.22 -10.21 1.71
N ARG B 56 0.21 -9.60 0.51
CA ARG B 56 0.35 -8.14 0.41
C ARG B 56 -0.96 -7.59 -0.14
N ARG B 57 -1.19 -7.73 -1.45
CA ARG B 57 -2.51 -7.60 -2.07
C ARG B 57 -2.98 -6.13 -2.20
N PHE B 58 -2.05 -5.19 -2.12
CA PHE B 58 -2.43 -3.77 -2.27
C PHE B 58 -2.71 -3.52 -3.74
N GLU B 59 -3.71 -2.66 -3.97
CA GLU B 59 -4.00 -2.13 -5.30
C GLU B 59 -4.00 -0.62 -5.19
N GLY B 60 -3.07 0.06 -5.87
CA GLY B 60 -3.13 1.52 -5.86
C GLY B 60 -1.80 2.12 -6.30
N THR B 61 -1.54 3.34 -5.83
CA THR B 61 -0.43 4.13 -6.43
C THR B 61 0.38 4.83 -5.37
N ILE B 62 1.61 5.21 -5.79
CA ILE B 62 2.38 6.24 -5.10
C ILE B 62 2.90 7.17 -6.19
N PHE B 63 2.59 8.48 -6.06
CA PHE B 63 3.10 9.47 -7.00
C PHE B 63 4.44 9.97 -6.48
N ASP B 64 5.49 9.97 -7.34
CA ASP B 64 6.82 10.50 -6.96
C ASP B 64 7.37 9.69 -5.78
N VAL B 65 7.62 8.39 -6.05
CA VAL B 65 8.15 7.47 -5.05
C VAL B 65 9.49 8.03 -4.55
N MET B 66 9.75 7.90 -3.24
CA MET B 66 11.02 8.33 -2.65
C MET B 66 12.17 7.64 -3.37
N THR B 67 13.23 8.41 -3.61
CA THR B 67 14.43 7.86 -4.22
C THR B 67 15.67 8.26 -3.45
N ARG B 68 16.67 7.39 -3.50
CA ARG B 68 18.00 7.70 -2.98
C ARG B 68 18.97 7.66 -4.11
N GLY B 69 19.84 8.67 -4.18
CA GLY B 69 20.72 8.74 -5.33
C GLY B 69 20.06 9.52 -6.45
N THR B 70 20.62 9.44 -7.65
CA THR B 70 20.09 10.18 -8.80
C THR B 70 19.55 9.17 -9.81
N ILE B 71 18.26 9.30 -10.13
CA ILE B 71 17.64 8.45 -11.13
C ILE B 71 18.21 8.85 -12.48
N PRO B 72 18.81 7.91 -13.27
CA PRO B 72 19.40 8.25 -14.55
C PRO B 72 18.39 8.90 -15.47
N LYS B 73 18.80 10.01 -16.11
CA LYS B 73 17.94 10.69 -17.05
C LYS B 73 17.61 9.84 -18.28
N GLU B 74 18.45 8.83 -18.53
CA GLU B 74 18.28 8.00 -19.71
C GLU B 74 17.15 6.96 -19.54
N LEU B 75 16.65 6.78 -18.31
CA LEU B 75 15.51 5.87 -18.12
C LEU B 75 14.21 6.55 -18.54
N HIS B 76 13.54 5.95 -19.52
CA HIS B 76 12.33 6.54 -20.12
C HIS B 76 11.42 5.38 -20.46
N GLY B 77 10.66 4.91 -19.46
CA GLY B 77 9.90 3.70 -19.68
C GLY B 77 9.37 3.18 -18.34
N THR B 78 8.93 1.92 -18.34
CA THR B 78 8.26 1.33 -17.17
C THR B 78 8.88 -0.03 -16.90
N PHE B 79 9.19 -0.28 -15.63
CA PHE B 79 9.55 -1.61 -15.18
C PHE B 79 8.27 -2.23 -14.63
N TYR B 80 7.76 -3.22 -15.36
CA TYR B 80 6.54 -3.93 -14.95
C TYR B 80 6.97 -5.26 -14.35
N ARG B 81 6.58 -5.54 -13.09
CA ARG B 81 6.92 -6.82 -12.49
C ARG B 81 5.62 -7.52 -12.12
N ILE B 82 5.59 -8.85 -12.26
CA ILE B 82 4.37 -9.57 -11.90
C ILE B 82 4.65 -10.58 -10.80
N MET B 83 3.67 -10.73 -9.91
CA MET B 83 3.83 -11.52 -8.72
C MET B 83 2.61 -12.37 -8.46
N PRO B 84 2.77 -13.56 -7.86
CA PRO B 84 1.65 -14.32 -7.33
C PRO B 84 1.28 -13.81 -5.93
N ASP B 85 0.03 -13.41 -5.75
CA ASP B 85 -0.38 -12.83 -4.46
C ASP B 85 -1.85 -13.18 -4.28
N TYR B 86 -2.13 -14.42 -3.86
CA TYR B 86 -3.53 -14.82 -3.71
C TYR B 86 -4.36 -13.72 -3.06
N ALA B 87 -5.44 -13.35 -3.77
CA ALA B 87 -6.24 -12.20 -3.31
C ALA B 87 -7.21 -12.58 -2.18
N GLN B 88 -7.67 -13.82 -2.21
CA GLN B 88 -8.43 -14.40 -1.10
C GLN B 88 -7.71 -15.61 -0.55
N PRO B 89 -7.90 -15.94 0.75
CA PRO B 89 -7.21 -17.09 1.31
C PRO B 89 -7.63 -18.35 0.55
N PRO B 90 -6.67 -19.17 0.01
CA PRO B 90 -7.05 -20.18 -0.98
C PRO B 90 -7.50 -21.50 -0.35
N THR B 91 -8.59 -21.44 0.41
CA THR B 91 -8.97 -22.57 1.26
C THR B 91 -9.89 -23.60 0.57
N TYR B 92 -10.28 -23.44 -0.70
CA TYR B 92 -11.35 -24.26 -1.27
C TYR B 92 -11.02 -25.77 -1.19
N TYR B 93 -9.82 -26.15 -1.64
CA TYR B 93 -9.47 -27.56 -1.72
C TYR B 93 -8.49 -27.92 -0.63
N LYS B 94 -8.91 -28.87 0.25
CA LYS B 94 -8.03 -29.38 1.30
C LYS B 94 -7.46 -28.23 2.16
N GLY B 95 -8.28 -27.21 2.36
CA GLY B 95 -7.92 -26.08 3.22
C GLY B 95 -6.75 -25.26 2.63
N GLY B 96 -6.49 -25.45 1.33
CA GLY B 96 -5.35 -24.77 0.69
C GLY B 96 -3.99 -25.35 1.02
N GLU B 97 -3.96 -26.54 1.67
CA GLU B 97 -2.72 -27.13 2.15
C GLU B 97 -1.69 -27.39 1.05
N LEU B 98 -2.19 -27.62 -0.18
CA LEU B 98 -1.31 -27.98 -1.30
C LEU B 98 -1.17 -26.88 -2.34
N ASN B 99 -1.52 -25.62 -1.94
CA ASN B 99 -1.24 -24.51 -2.83
C ASN B 99 0.26 -24.43 -3.11
N ALA B 100 0.60 -24.02 -4.36
CA ALA B 100 1.96 -23.94 -4.82
C ALA B 100 2.38 -22.48 -4.89
N PRO B 101 3.69 -22.17 -4.80
CA PRO B 101 4.16 -20.79 -4.89
C PRO B 101 3.83 -20.11 -6.21
N ILE B 102 3.59 -20.93 -7.25
CA ILE B 102 3.27 -20.42 -8.58
C ILE B 102 1.75 -20.29 -8.78
N ASP B 103 0.92 -20.53 -7.76
CA ASP B 103 -0.52 -20.46 -7.96
C ASP B 103 -1.18 -19.07 -7.92
N GLY B 104 -0.67 -18.20 -7.02
CA GLY B 104 -1.52 -17.11 -6.52
C GLY B 104 -1.89 -16.09 -7.62
N ASP B 105 -3.04 -15.43 -7.41
CA ASP B 105 -3.53 -14.43 -8.36
C ASP B 105 -2.44 -13.45 -8.78
N GLY B 106 -2.33 -13.23 -10.10
CA GLY B 106 -1.36 -12.29 -10.65
C GLY B 106 -1.68 -10.84 -10.25
N THR B 107 -0.63 -10.14 -9.84
CA THR B 107 -0.69 -8.71 -9.56
C THR B 107 0.53 -8.06 -10.21
N VAL B 108 0.29 -6.97 -10.94
CA VAL B 108 1.33 -6.24 -11.65
C VAL B 108 1.73 -5.00 -10.86
N ALA B 109 3.05 -4.87 -10.62
CA ALA B 109 3.59 -3.60 -10.10
C ALA B 109 4.30 -2.90 -11.24
N ALA B 110 3.96 -1.65 -11.46
CA ALA B 110 4.58 -0.81 -12.49
C ALA B 110 5.35 0.30 -11.81
N PHE B 111 6.62 0.45 -12.25
CA PHE B 111 7.47 1.56 -11.79
C PHE B 111 7.84 2.37 -13.03
N ARG B 112 7.24 3.55 -13.16
CA ARG B 112 7.42 4.34 -14.37
C ARG B 112 8.43 5.45 -14.14
N PHE B 113 9.48 5.46 -14.97
CA PHE B 113 10.60 6.41 -14.88
C PHE B 113 10.49 7.40 -16.05
N LYS B 114 10.37 8.70 -15.70
CA LYS B 114 10.32 9.72 -16.74
C LYS B 114 10.94 10.98 -16.16
N ASP B 115 12.01 11.46 -16.79
CA ASP B 115 12.65 12.72 -16.37
C ASP B 115 13.05 12.68 -14.90
N GLY B 116 13.58 11.53 -14.43
CA GLY B 116 14.11 11.39 -13.07
C GLY B 116 13.05 11.08 -11.99
N LYS B 117 11.76 11.16 -12.35
CA LYS B 117 10.63 10.94 -11.45
C LYS B 117 10.18 9.49 -11.60
N VAL B 118 9.88 8.84 -10.46
CA VAL B 118 9.34 7.48 -10.51
C VAL B 118 7.94 7.50 -9.88
N ASP B 119 6.97 6.86 -10.57
CA ASP B 119 5.64 6.61 -9.99
C ASP B 119 5.46 5.11 -9.91
N TYR B 120 4.57 4.71 -9.00
CA TYR B 120 4.28 3.29 -8.84
C TYR B 120 2.77 3.09 -8.92
N ARG B 121 2.39 1.96 -9.55
CA ARG B 121 1.00 1.51 -9.50
C ARG B 121 1.02 -0.01 -9.40
N GLN B 122 0.14 -0.57 -8.57
CA GLN B 122 -0.01 -2.01 -8.51
C GLN B 122 -1.47 -2.40 -8.59
N ARG B 123 -1.76 -3.51 -9.30
CA ARG B 123 -3.16 -3.89 -9.48
C ARG B 123 -3.23 -5.37 -9.84
N PHE B 124 -4.25 -6.05 -9.32
CA PHE B 124 -4.50 -7.44 -9.73
C PHE B 124 -5.02 -7.44 -11.15
N VAL B 125 -4.57 -8.49 -11.88
CA VAL B 125 -5.19 -8.85 -13.17
C VAL B 125 -6.61 -9.36 -12.91
N GLU B 126 -7.63 -8.85 -13.64
CA GLU B 126 -8.98 -9.29 -13.35
C GLU B 126 -9.26 -10.55 -14.16
N THR B 127 -8.50 -11.61 -13.89
CA THR B 127 -8.76 -12.91 -14.53
C THR B 127 -10.18 -13.36 -14.18
N ASP B 128 -10.73 -14.28 -15.00
CA ASP B 128 -12.06 -14.78 -14.67
C ASP B 128 -12.08 -15.42 -13.28
N ARG B 129 -10.99 -16.08 -12.92
CA ARG B 129 -10.78 -16.68 -11.61
C ARG B 129 -10.80 -15.63 -10.49
N PHE B 130 -10.00 -14.57 -10.68
CA PHE B 130 -9.98 -13.51 -9.67
C PHE B 130 -11.35 -12.91 -9.51
N LYS B 131 -12.07 -12.68 -10.63
CA LYS B 131 -13.38 -12.03 -10.52
C LYS B 131 -14.34 -12.91 -9.72
N VAL B 132 -14.35 -14.23 -10.05
CA VAL B 132 -15.24 -15.15 -9.32
C VAL B 132 -14.92 -15.09 -7.82
N GLU B 133 -13.64 -15.19 -7.47
CA GLU B 133 -13.33 -15.29 -6.05
C GLU B 133 -13.56 -13.96 -5.32
N ARG B 134 -13.29 -12.83 -5.97
CA ARG B 134 -13.51 -11.55 -5.30
C ARG B 134 -15.01 -11.33 -5.07
N ARG B 135 -15.84 -11.61 -6.10
CA ARG B 135 -17.29 -11.37 -5.99
C ARG B 135 -17.87 -12.31 -4.93
N ALA B 136 -17.34 -13.52 -4.77
CA ALA B 136 -17.83 -14.46 -3.77
C ALA B 136 -17.15 -14.22 -2.42
N ARG B 137 -16.09 -13.37 -2.38
CA ARG B 137 -15.20 -13.26 -1.23
C ARG B 137 -14.77 -14.63 -0.69
N LYS B 138 -14.40 -15.52 -1.63
CA LYS B 138 -14.18 -16.92 -1.27
C LYS B 138 -13.37 -17.64 -2.34
N SER B 139 -12.40 -18.43 -1.86
CA SER B 139 -11.68 -19.37 -2.71
C SER B 139 -12.63 -20.38 -3.38
N MET B 140 -12.45 -20.56 -4.71
CA MET B 140 -13.29 -21.48 -5.51
C MET B 140 -12.43 -22.37 -6.39
N TYR B 141 -11.11 -22.35 -6.23
CA TYR B 141 -10.18 -23.08 -7.07
C TYR B 141 -9.25 -23.89 -6.19
N GLY B 142 -8.83 -25.06 -6.72
CA GLY B 142 -8.01 -25.99 -5.97
C GLY B 142 -6.57 -25.97 -6.41
N LEU B 143 -6.06 -27.17 -6.76
CA LEU B 143 -4.66 -27.37 -7.14
C LEU B 143 -4.32 -26.69 -8.46
N TYR B 144 -3.02 -26.36 -8.57
CA TYR B 144 -2.45 -25.82 -9.80
C TYR B 144 -2.86 -26.73 -10.98
N ARG B 145 -3.52 -26.13 -11.97
CA ARG B 145 -3.87 -26.79 -13.24
C ARG B 145 -4.72 -28.06 -13.00
N ASN B 146 -5.54 -28.14 -11.96
CA ASN B 146 -6.38 -29.35 -11.83
C ASN B 146 -7.84 -28.94 -11.66
N PRO B 147 -8.59 -28.73 -12.74
CA PRO B 147 -10.03 -28.43 -12.67
C PRO B 147 -10.92 -29.38 -11.85
N TYR B 148 -10.46 -30.65 -11.71
CA TYR B 148 -11.23 -31.63 -10.93
C TYR B 148 -11.20 -31.24 -9.45
N THR B 149 -10.31 -30.33 -9.05
CA THR B 149 -10.23 -29.88 -7.66
C THR B 149 -10.75 -28.43 -7.52
N HIS B 150 -11.37 -27.84 -8.56
CA HIS B 150 -12.01 -26.53 -8.42
C HIS B 150 -13.47 -26.73 -8.09
N HIS B 151 -14.12 -25.65 -7.62
CA HIS B 151 -15.53 -25.68 -7.28
C HIS B 151 -16.34 -26.05 -8.52
N PRO B 152 -17.37 -26.90 -8.41
CA PRO B 152 -18.20 -27.26 -9.56
C PRO B 152 -18.66 -26.13 -10.46
N CYS B 153 -18.99 -24.96 -9.87
CA CYS B 153 -19.51 -23.86 -10.67
C CYS B 153 -18.44 -23.24 -11.57
N VAL B 154 -17.17 -23.49 -11.27
CA VAL B 154 -16.09 -22.85 -12.05
C VAL B 154 -15.21 -23.86 -12.81
N ARG B 155 -15.58 -25.14 -12.82
CA ARG B 155 -14.71 -26.14 -13.41
C ARG B 155 -14.47 -25.88 -14.90
N GLN B 156 -15.48 -25.30 -15.58
CA GLN B 156 -15.37 -25.04 -16.99
C GLN B 156 -15.00 -23.58 -17.30
N THR B 157 -14.21 -22.95 -16.41
CA THR B 157 -13.74 -21.59 -16.64
C THR B 157 -12.29 -21.69 -17.09
N VAL B 158 -11.78 -20.55 -17.60
CA VAL B 158 -10.32 -20.37 -17.69
C VAL B 158 -9.78 -20.21 -16.27
N GLU B 159 -8.86 -21.10 -15.87
CA GLU B 159 -8.39 -21.16 -14.49
C GLU B 159 -7.08 -20.39 -14.29
N SER B 160 -6.55 -19.77 -15.36
CA SER B 160 -5.30 -19.01 -15.28
C SER B 160 -5.40 -17.88 -14.24
N THR B 161 -4.33 -17.77 -13.46
CA THR B 161 -4.14 -16.62 -12.58
C THR B 161 -3.20 -15.57 -13.20
N ALA B 162 -2.76 -15.77 -14.46
CA ALA B 162 -2.08 -14.71 -15.22
C ALA B 162 -0.99 -14.02 -14.39
N ASN B 163 -0.06 -14.84 -13.87
CA ASN B 163 0.79 -14.37 -12.78
C ASN B 163 2.28 -14.57 -13.05
N THR B 164 2.71 -14.91 -14.28
CA THR B 164 4.12 -15.25 -14.42
C THR B 164 4.97 -14.25 -15.23
N ASN B 165 4.41 -13.65 -16.30
CA ASN B 165 5.25 -12.72 -17.08
C ASN B 165 4.34 -11.76 -17.84
N VAL B 166 4.97 -10.72 -18.41
CA VAL B 166 4.23 -9.68 -19.14
C VAL B 166 4.97 -9.41 -20.44
N VAL B 167 4.24 -8.83 -21.39
CA VAL B 167 4.85 -8.39 -22.66
C VAL B 167 4.05 -7.21 -23.19
N MET B 168 4.72 -6.28 -23.88
CA MET B 168 4.04 -5.30 -24.73
C MET B 168 4.30 -5.69 -26.18
N HIS B 169 3.21 -6.02 -26.89
CA HIS B 169 3.38 -6.45 -28.27
C HIS B 169 2.24 -5.83 -29.06
N ALA B 170 2.57 -5.24 -30.22
CA ALA B 170 1.54 -4.69 -31.10
C ALA B 170 0.68 -3.66 -30.35
N GLY B 171 1.34 -2.90 -29.45
CA GLY B 171 0.65 -1.87 -28.67
C GLY B 171 -0.30 -2.42 -27.60
N ARG B 172 -0.22 -3.72 -27.29
CA ARG B 172 -1.09 -4.37 -26.29
C ARG B 172 -0.21 -4.91 -25.16
N PHE B 173 -0.59 -4.56 -23.92
CA PHE B 173 0.14 -5.00 -22.73
C PHE B 173 -0.57 -6.22 -22.14
N LEU B 174 0.17 -7.32 -22.06
CA LEU B 174 -0.40 -8.64 -21.70
C LEU B 174 0.21 -9.17 -20.39
N ALA B 175 -0.66 -9.77 -19.58
CA ALA B 175 -0.26 -10.62 -18.47
C ALA B 175 -0.48 -12.07 -18.90
N MET B 176 0.54 -12.90 -18.61
CA MET B 176 0.55 -14.25 -19.17
C MET B 176 0.72 -15.30 -18.08
N LYS B 177 0.19 -16.49 -18.38
CA LYS B 177 0.45 -17.72 -17.61
C LYS B 177 0.15 -18.88 -18.56
N GLU B 178 1.01 -19.90 -18.53
CA GLU B 178 1.08 -20.92 -19.59
C GLU B 178 -0.14 -21.83 -19.70
N ASN B 179 -1.05 -21.78 -18.72
CA ASN B 179 -2.25 -22.63 -18.77
C ASN B 179 -3.48 -21.91 -19.34
N GLY B 180 -3.27 -20.77 -20.01
CA GLY B 180 -4.35 -20.02 -20.63
C GLY B 180 -3.78 -19.07 -21.66
N ASN B 181 -4.67 -18.46 -22.44
CA ASN B 181 -4.22 -17.30 -23.23
C ASN B 181 -4.00 -16.09 -22.30
N ALA B 182 -3.41 -15.03 -22.85
CA ALA B 182 -3.08 -13.83 -22.08
C ALA B 182 -4.32 -13.02 -21.77
N TYR B 183 -4.23 -12.22 -20.68
CA TYR B 183 -5.19 -11.16 -20.42
C TYR B 183 -4.53 -9.82 -20.71
N GLU B 184 -5.28 -8.95 -21.38
CA GLU B 184 -4.73 -7.64 -21.70
C GLU B 184 -5.10 -6.65 -20.61
N MET B 185 -4.17 -5.73 -20.34
CA MET B 185 -4.41 -4.65 -19.36
C MET B 185 -4.05 -3.31 -20.00
N ASP B 186 -4.68 -2.23 -19.49
CA ASP B 186 -4.26 -0.88 -19.90
C ASP B 186 -2.90 -0.63 -19.26
N PRO B 187 -1.89 -0.13 -20.01
CA PRO B 187 -0.53 0.00 -19.44
C PRO B 187 -0.34 1.16 -18.46
N HIS B 188 -1.38 2.00 -18.29
CA HIS B 188 -1.30 3.14 -17.40
C HIS B 188 -2.13 2.93 -16.15
N THR B 189 -3.39 2.47 -16.32
CA THR B 189 -4.26 2.25 -15.16
C THR B 189 -4.19 0.81 -14.69
N LEU B 190 -3.66 -0.09 -15.54
CA LEU B 190 -3.63 -1.53 -15.28
C LEU B 190 -5.03 -2.13 -15.21
N LYS B 191 -6.05 -1.42 -15.69
CA LYS B 191 -7.39 -2.01 -15.79
C LYS B 191 -7.37 -3.17 -16.80
N THR B 192 -8.08 -4.26 -16.48
CA THR B 192 -8.10 -5.39 -17.40
C THR B 192 -9.05 -5.06 -18.54
N LEU B 193 -8.63 -5.37 -19.77
CA LEU B 193 -9.40 -5.02 -20.97
C LEU B 193 -10.02 -6.22 -21.69
N GLY B 194 -9.44 -7.42 -21.53
CA GLY B 194 -9.93 -8.57 -22.28
C GLY B 194 -9.03 -9.77 -22.18
N TYR B 195 -9.42 -10.83 -22.92
CA TYR B 195 -8.74 -12.11 -22.88
C TYR B 195 -8.47 -12.51 -24.32
N ASN B 196 -7.30 -13.12 -24.53
CA ASN B 196 -6.89 -13.67 -25.83
C ASN B 196 -6.96 -12.59 -26.92
N PRO B 197 -6.28 -11.44 -26.79
CA PRO B 197 -6.39 -10.37 -27.79
C PRO B 197 -5.98 -10.70 -29.22
N PHE B 198 -5.06 -11.66 -29.37
CA PHE B 198 -4.59 -12.06 -30.69
C PHE B 198 -5.45 -13.20 -31.25
N ASN B 199 -6.47 -13.65 -30.52
CA ASN B 199 -7.42 -14.68 -30.98
C ASN B 199 -6.68 -15.93 -31.40
N LEU B 200 -5.74 -16.41 -30.57
CA LEU B 200 -5.05 -17.66 -30.87
C LEU B 200 -6.06 -18.80 -30.77
N PRO B 201 -5.96 -19.82 -31.66
CA PRO B 201 -6.89 -20.94 -31.61
C PRO B 201 -6.63 -22.01 -30.55
N SER B 202 -5.46 -21.94 -29.91
N SER B 202 -5.48 -21.90 -29.86
CA SER B 202 -5.12 -22.83 -28.81
CA SER B 202 -5.04 -22.77 -28.79
C SER B 202 -5.85 -22.36 -27.54
C SER B 202 -5.77 -22.33 -27.52
N LYS B 203 -5.96 -23.28 -26.59
CA LYS B 203 -6.47 -22.95 -25.25
C LYS B 203 -5.42 -22.25 -24.40
N THR B 204 -4.14 -22.30 -24.81
CA THR B 204 -3.03 -21.83 -24.01
C THR B 204 -2.09 -20.99 -24.85
N MET B 205 -1.32 -20.16 -24.15
CA MET B 205 -0.18 -19.49 -24.72
C MET B 205 0.92 -19.55 -23.67
N THR B 206 2.15 -19.80 -24.08
CA THR B 206 3.31 -19.73 -23.21
C THR B 206 3.35 -18.34 -22.56
N ALA B 207 3.93 -18.34 -21.36
CA ALA B 207 4.25 -17.06 -20.75
C ALA B 207 5.69 -16.66 -21.05
N HIS B 208 6.40 -17.46 -21.91
CA HIS B 208 7.76 -17.12 -22.31
C HIS B 208 7.82 -16.97 -23.83
N PRO B 209 6.99 -16.16 -24.48
CA PRO B 209 7.19 -15.87 -25.90
C PRO B 209 8.42 -14.97 -26.02
N LYS B 210 8.96 -14.88 -27.24
CA LYS B 210 10.17 -14.07 -27.44
C LYS B 210 9.89 -13.08 -28.57
N GLN B 211 10.33 -11.83 -28.37
CA GLN B 211 10.12 -10.81 -29.41
C GLN B 211 11.36 -10.72 -30.29
N CYS B 212 11.22 -11.27 -31.51
CA CYS B 212 12.31 -11.34 -32.49
C CYS B 212 12.82 -9.92 -32.81
N SER B 213 14.13 -9.71 -32.63
CA SER B 213 14.76 -8.44 -32.96
C SER B 213 14.83 -8.19 -34.47
N VAL B 214 14.66 -9.24 -35.29
CA VAL B 214 14.80 -9.07 -36.73
C VAL B 214 13.45 -8.74 -37.35
N THR B 215 12.45 -9.59 -37.06
CA THR B 215 11.12 -9.47 -37.64
C THR B 215 10.19 -8.58 -36.82
N GLY B 216 10.46 -8.46 -35.49
CA GLY B 216 9.47 -7.87 -34.59
C GLY B 216 8.37 -8.86 -34.19
N ASN B 217 8.42 -10.11 -34.69
CA ASN B 217 7.35 -11.05 -34.36
C ASN B 217 7.40 -11.43 -32.87
N LEU B 218 6.22 -11.64 -32.28
CA LEU B 218 6.08 -12.39 -31.04
C LEU B 218 6.09 -13.86 -31.40
N VAL B 219 7.15 -14.56 -30.99
CA VAL B 219 7.30 -15.95 -31.39
C VAL B 219 7.04 -16.80 -30.14
N GLY B 220 6.12 -17.77 -30.27
CA GLY B 220 5.86 -18.62 -29.12
C GLY B 220 5.08 -19.88 -29.48
N PHE B 221 4.46 -20.45 -28.46
CA PHE B 221 3.77 -21.71 -28.58
C PHE B 221 2.77 -21.77 -27.45
N GLY B 222 1.82 -22.71 -27.54
CA GLY B 222 1.01 -23.09 -26.39
C GLY B 222 1.01 -24.61 -26.31
N TYR B 223 1.24 -25.19 -25.12
CA TYR B 223 1.16 -26.64 -24.96
C TYR B 223 -0.08 -26.99 -24.15
N GLU B 224 -0.40 -28.30 -24.09
CA GLU B 224 -1.74 -28.72 -23.71
C GLU B 224 -2.77 -27.92 -24.49
N ALA B 225 -2.49 -27.74 -25.80
CA ALA B 225 -3.18 -26.70 -26.55
C ALA B 225 -4.64 -27.03 -26.82
N LYS B 226 -5.04 -28.32 -26.66
CA LYS B 226 -6.40 -28.75 -26.88
C LYS B 226 -7.13 -29.13 -25.61
N GLY B 227 -6.53 -28.80 -24.46
CA GLY B 227 -7.19 -29.10 -23.19
C GLY B 227 -6.29 -29.87 -22.24
N LEU B 228 -6.87 -30.16 -21.05
CA LEU B 228 -6.08 -30.78 -20.00
C LEU B 228 -5.40 -32.09 -20.44
N ALA B 229 -4.10 -32.18 -20.19
CA ALA B 229 -3.23 -33.34 -20.41
C ALA B 229 -3.08 -33.70 -21.89
N THR B 230 -3.50 -32.82 -22.80
CA THR B 230 -3.30 -33.04 -24.24
C THR B 230 -1.83 -32.81 -24.63
N LYS B 231 -1.35 -33.60 -25.61
CA LYS B 231 0.03 -33.51 -26.05
C LYS B 231 0.23 -32.44 -27.14
N ASP B 232 -0.88 -31.88 -27.61
CA ASP B 232 -0.86 -30.89 -28.68
C ASP B 232 -0.05 -29.65 -28.29
N VAL B 233 0.74 -29.19 -29.26
CA VAL B 233 1.50 -27.94 -29.17
C VAL B 233 1.14 -27.11 -30.39
N TYR B 234 0.73 -25.86 -30.17
CA TYR B 234 0.53 -24.90 -31.24
C TYR B 234 1.69 -23.90 -31.30
N TYR B 235 2.41 -23.78 -32.43
CA TYR B 235 3.48 -22.84 -32.64
C TYR B 235 2.92 -21.64 -33.41
N PHE B 236 3.38 -20.42 -33.07
CA PHE B 236 2.90 -19.25 -33.77
C PHE B 236 3.97 -18.16 -33.79
N GLU B 237 3.82 -17.27 -34.78
CA GLU B 237 4.51 -15.98 -34.77
C GLU B 237 3.46 -14.93 -35.10
N VAL B 238 3.26 -13.97 -34.19
CA VAL B 238 2.36 -12.84 -34.32
C VAL B 238 3.21 -11.63 -34.75
N ASP B 239 2.82 -11.03 -35.88
CA ASP B 239 3.63 -9.94 -36.40
C ASP B 239 3.41 -8.64 -35.60
N PRO B 240 4.16 -7.54 -35.90
CA PRO B 240 4.02 -6.28 -35.14
C PRO B 240 2.65 -5.63 -35.24
N SER B 241 1.83 -6.09 -36.21
CA SER B 241 0.49 -5.56 -36.33
C SER B 241 -0.55 -6.39 -35.58
N GLY B 242 -0.14 -7.51 -34.97
CA GLY B 242 -1.05 -8.34 -34.20
C GLY B 242 -1.61 -9.53 -34.98
N LYS B 243 -1.08 -9.84 -36.18
CA LYS B 243 -1.65 -10.91 -37.01
C LYS B 243 -0.77 -12.16 -36.90
N VAL B 244 -1.39 -13.35 -36.83
CA VAL B 244 -0.63 -14.60 -36.87
C VAL B 244 -0.16 -14.80 -38.31
N VAL B 245 1.17 -14.76 -38.52
CA VAL B 245 1.72 -14.85 -39.86
C VAL B 245 2.37 -16.20 -40.12
N ARG B 246 2.66 -16.99 -39.06
CA ARG B 246 3.20 -18.33 -39.16
C ARG B 246 2.64 -19.14 -38.00
N ASP B 247 2.21 -20.36 -38.28
CA ASP B 247 1.72 -21.25 -37.22
C ASP B 247 1.85 -22.69 -37.69
N LEU B 248 1.71 -23.61 -36.75
CA LEU B 248 1.79 -25.04 -36.99
C LEU B 248 1.26 -25.79 -35.76
N TRP B 249 0.49 -26.85 -35.99
CA TRP B 249 0.10 -27.78 -34.94
C TRP B 249 1.06 -28.97 -34.94
N LEU B 250 1.51 -29.36 -33.75
CA LEU B 250 2.43 -30.49 -33.56
C LEU B 250 2.12 -31.12 -32.20
N GLU B 251 2.99 -32.04 -31.76
CA GLU B 251 2.81 -32.71 -30.48
C GLU B 251 4.15 -32.80 -29.78
N ALA B 252 4.09 -32.86 -28.43
CA ALA B 252 5.27 -33.17 -27.65
C ALA B 252 5.39 -34.69 -27.51
N PRO B 253 6.59 -35.26 -27.24
CA PRO B 253 6.69 -36.72 -27.10
C PRO B 253 5.94 -37.35 -25.93
N TRP B 254 5.74 -36.55 -24.86
CA TRP B 254 4.86 -36.90 -23.75
C TRP B 254 4.17 -35.59 -23.32
N CYS B 255 3.15 -35.66 -22.45
CA CYS B 255 2.58 -34.40 -21.97
C CYS B 255 3.54 -33.84 -20.91
N ALA B 256 4.37 -32.92 -21.38
CA ALA B 256 5.51 -32.40 -20.63
C ALA B 256 5.25 -30.96 -20.21
N PHE B 257 6.01 -30.51 -19.20
CA PHE B 257 5.91 -29.15 -18.70
C PHE B 257 6.91 -28.33 -19.53
N ILE B 258 6.35 -27.62 -20.52
CA ILE B 258 7.19 -26.86 -21.45
C ILE B 258 7.14 -25.37 -21.06
N HIS B 259 7.96 -25.03 -20.08
CA HIS B 259 7.85 -23.71 -19.47
C HIS B 259 8.43 -22.63 -20.40
N ASP B 260 9.60 -22.89 -20.97
CA ASP B 260 10.35 -21.83 -21.63
C ASP B 260 10.91 -22.42 -22.94
N CYS B 261 11.55 -21.54 -23.70
CA CYS B 261 12.00 -21.86 -25.06
C CYS B 261 13.19 -20.95 -25.37
N ALA B 262 13.81 -21.18 -26.55
CA ALA B 262 14.82 -20.24 -27.03
C ALA B 262 14.56 -19.94 -28.49
N LEU B 263 14.76 -18.66 -28.86
CA LEU B 263 14.54 -18.18 -30.23
C LEU B 263 15.91 -17.95 -30.88
N THR B 264 16.04 -18.52 -32.10
CA THR B 264 17.23 -18.33 -32.90
C THR B 264 16.78 -17.81 -34.27
N PRO B 265 17.69 -17.42 -35.20
CA PRO B 265 17.17 -16.92 -36.47
C PRO B 265 16.26 -17.86 -37.23
N ASN B 266 16.52 -19.18 -37.16
CA ASN B 266 15.79 -20.14 -37.96
C ASN B 266 15.01 -21.18 -37.16
N TYR B 267 14.98 -21.03 -35.80
CA TYR B 267 14.31 -22.04 -34.98
C TYR B 267 13.64 -21.40 -33.77
N LEU B 268 12.51 -22.01 -33.38
CA LEU B 268 12.04 -21.90 -32.00
C LEU B 268 12.28 -23.24 -31.34
N VAL B 269 12.97 -23.22 -30.18
CA VAL B 269 13.40 -24.46 -29.55
C VAL B 269 12.68 -24.56 -28.19
N LEU B 270 11.80 -25.57 -28.06
CA LEU B 270 11.05 -25.77 -26.81
C LEU B 270 11.92 -26.55 -25.83
N MET B 271 11.83 -26.24 -24.54
CA MET B 271 12.61 -26.87 -23.48
C MET B 271 11.65 -27.66 -22.58
N LEU B 272 11.77 -29.00 -22.56
CA LEU B 272 10.85 -29.85 -21.80
C LEU B 272 11.46 -30.22 -20.47
N TRP B 273 10.75 -29.82 -19.40
CA TRP B 273 11.12 -30.30 -18.07
C TRP B 273 10.63 -31.73 -17.90
N PRO B 274 11.30 -32.52 -17.02
CA PRO B 274 10.93 -33.91 -16.73
C PRO B 274 9.76 -34.07 -15.77
N PHE B 275 8.66 -33.40 -16.08
CA PHE B 275 7.39 -33.65 -15.42
C PHE B 275 6.43 -34.22 -16.44
N GLU B 276 5.53 -35.08 -15.98
CA GLU B 276 4.50 -35.60 -16.86
C GLU B 276 3.14 -35.36 -16.23
N ALA B 277 2.17 -35.04 -17.07
CA ALA B 277 0.76 -34.85 -16.71
C ALA B 277 0.02 -36.18 -16.83
N ASN B 278 -0.90 -36.41 -15.91
CA ASN B 278 -1.68 -37.64 -15.92
C ASN B 278 -3.12 -37.30 -15.58
N LEU B 279 -4.07 -37.51 -16.51
CA LEU B 279 -5.48 -37.21 -16.33
C LEU B 279 -6.10 -38.04 -15.20
N GLU B 280 -5.76 -39.35 -15.11
CA GLU B 280 -6.32 -40.20 -14.05
C GLU B 280 -5.93 -39.66 -12.66
N ARG B 281 -4.66 -39.29 -12.51
CA ARG B 281 -4.17 -38.70 -11.25
C ARG B 281 -5.00 -37.44 -10.89
N MET B 282 -5.22 -36.58 -11.90
CA MET B 282 -5.97 -35.35 -11.66
C MET B 282 -7.41 -35.68 -11.23
N LYS B 283 -8.04 -36.64 -11.94
CA LYS B 283 -9.42 -36.97 -11.58
C LYS B 283 -9.53 -37.56 -10.17
N ALA B 284 -8.44 -38.19 -9.68
CA ALA B 284 -8.34 -38.75 -8.33
C ALA B 284 -8.00 -37.65 -7.32
N GLY B 285 -7.87 -36.40 -7.79
CA GLY B 285 -7.68 -35.26 -6.89
C GLY B 285 -6.20 -34.91 -6.64
N GLY B 286 -5.28 -35.48 -7.43
CA GLY B 286 -3.85 -35.23 -7.25
C GLY B 286 -3.35 -34.14 -8.20
N HIS B 287 -2.03 -33.92 -8.10
CA HIS B 287 -1.36 -32.86 -8.84
C HIS B 287 -1.41 -33.12 -10.35
N HIS B 288 -1.41 -32.01 -11.10
CA HIS B 288 -1.31 -32.08 -12.55
C HIS B 288 0.01 -32.74 -12.95
N TRP B 289 1.14 -32.25 -12.41
CA TRP B 289 2.48 -32.67 -12.75
C TRP B 289 3.08 -33.58 -11.67
N ALA B 290 3.92 -34.53 -12.12
CA ALA B 290 4.77 -35.31 -11.23
C ALA B 290 6.16 -35.38 -11.86
N TYR B 291 7.19 -35.10 -11.08
CA TYR B 291 8.57 -35.17 -11.51
C TYR B 291 8.89 -36.63 -11.85
N ASP B 292 9.66 -36.84 -12.92
CA ASP B 292 10.06 -38.21 -13.26
C ASP B 292 11.57 -38.24 -13.50
N TYR B 293 12.31 -38.90 -12.60
CA TYR B 293 13.76 -39.09 -12.70
C TYR B 293 14.18 -39.85 -13.97
N THR B 294 13.28 -40.60 -14.60
CA THR B 294 13.59 -41.38 -15.79
C THR B 294 13.46 -40.56 -17.07
N LYS B 295 12.87 -39.34 -16.99
CA LYS B 295 12.69 -38.52 -18.18
C LYS B 295 13.97 -37.71 -18.42
N PRO B 296 14.53 -37.68 -19.66
CA PRO B 296 15.68 -36.82 -19.91
C PRO B 296 15.15 -35.43 -20.26
N ILE B 297 15.97 -34.42 -19.94
CA ILE B 297 15.74 -33.09 -20.52
C ILE B 297 15.64 -33.29 -22.03
N THR B 298 14.56 -32.75 -22.62
CA THR B 298 14.26 -32.95 -24.03
C THR B 298 14.04 -31.57 -24.65
N TRP B 299 14.40 -31.42 -25.93
CA TRP B 299 14.26 -30.18 -26.68
C TRP B 299 13.47 -30.50 -27.94
N ILE B 300 12.57 -29.61 -28.31
CA ILE B 300 11.85 -29.72 -29.57
C ILE B 300 12.29 -28.58 -30.48
N THR B 301 12.96 -28.91 -31.59
CA THR B 301 13.34 -27.89 -32.58
C THR B 301 12.22 -27.70 -33.58
N ILE B 302 11.76 -26.45 -33.73
CA ILE B 302 10.71 -26.11 -34.68
C ILE B 302 11.32 -25.16 -35.69
N PRO B 303 11.59 -25.59 -36.94
CA PRO B 303 12.05 -24.63 -37.94
C PRO B 303 11.04 -23.50 -38.09
N ARG B 304 11.53 -22.25 -38.06
CA ARG B 304 10.58 -21.16 -38.13
C ARG B 304 9.93 -21.16 -39.51
N GLY B 305 8.61 -20.99 -39.54
CA GLY B 305 7.81 -21.11 -40.75
C GLY B 305 7.64 -22.55 -41.25
N ALA B 306 7.92 -23.57 -40.42
CA ALA B 306 7.65 -24.96 -40.78
C ALA B 306 6.22 -25.15 -41.24
N LYS B 307 6.00 -26.01 -42.25
CA LYS B 307 4.69 -26.30 -42.76
C LYS B 307 4.26 -27.74 -42.49
N SER B 308 5.20 -28.57 -42.08
CA SER B 308 4.87 -29.93 -41.70
C SER B 308 5.40 -30.21 -40.32
N LYS B 309 4.60 -30.92 -39.52
CA LYS B 309 5.09 -31.39 -38.24
C LYS B 309 6.28 -32.34 -38.41
N ASP B 310 6.45 -32.95 -39.60
CA ASP B 310 7.61 -33.81 -39.76
C ASP B 310 8.94 -33.06 -39.83
N GLU B 311 8.93 -31.72 -39.87
CA GLU B 311 10.14 -30.90 -39.82
C GLU B 311 10.64 -30.71 -38.40
N VAL B 312 9.77 -31.02 -37.42
CA VAL B 312 10.11 -30.84 -36.00
C VAL B 312 10.93 -32.05 -35.55
N LYS B 313 11.95 -31.80 -34.72
CA LYS B 313 12.75 -32.91 -34.19
C LYS B 313 12.81 -32.85 -32.67
N TYR B 314 12.91 -34.04 -32.06
CA TYR B 314 13.08 -34.14 -30.61
C TYR B 314 14.52 -34.55 -30.29
N TRP B 315 15.14 -33.91 -29.30
CA TRP B 315 16.53 -34.11 -28.89
C TRP B 315 16.56 -34.36 -27.40
N HIS B 316 17.53 -35.12 -26.90
CA HIS B 316 17.49 -35.47 -25.49
C HIS B 316 18.88 -35.51 -24.89
N TRP B 317 18.95 -35.21 -23.58
CA TRP B 317 20.18 -35.32 -22.81
C TRP B 317 19.93 -36.34 -21.68
N LYS B 318 19.81 -35.86 -20.42
CA LYS B 318 19.71 -36.68 -19.23
C LYS B 318 18.76 -35.96 -18.28
N ASN B 319 18.36 -36.64 -17.18
CA ASN B 319 17.46 -36.02 -16.22
C ASN B 319 18.07 -34.79 -15.56
N GLY B 320 17.20 -33.78 -15.36
CA GLY B 320 17.56 -32.53 -14.71
C GLY B 320 16.47 -31.50 -15.02
N MET B 321 16.65 -30.29 -14.50
CA MET B 321 15.64 -29.25 -14.62
C MET B 321 16.29 -27.94 -15.05
N PRO B 322 16.30 -27.64 -16.38
CA PRO B 322 16.81 -26.35 -16.87
C PRO B 322 15.62 -25.39 -16.88
N ILE B 323 15.63 -24.42 -15.96
CA ILE B 323 14.37 -23.71 -15.68
C ILE B 323 14.09 -22.64 -16.74
N HIS B 324 15.09 -21.78 -17.00
CA HIS B 324 14.92 -20.69 -17.94
C HIS B 324 16.13 -20.61 -18.87
N THR B 325 15.83 -20.23 -20.11
CA THR B 325 16.92 -19.87 -21.04
C THR B 325 17.33 -18.42 -20.82
N ALA B 326 18.61 -18.09 -21.04
CA ALA B 326 19.01 -16.71 -21.26
C ALA B 326 18.54 -16.31 -22.66
N SER B 327 19.21 -16.86 -23.69
CA SER B 327 18.67 -16.85 -25.04
C SER B 327 19.39 -17.92 -25.85
N GLY B 328 19.13 -17.93 -27.17
CA GLY B 328 19.82 -18.83 -28.07
C GLY B 328 20.27 -18.10 -29.32
N PHE B 329 21.12 -18.82 -30.08
CA PHE B 329 21.56 -18.32 -31.38
C PHE B 329 22.11 -19.51 -32.18
N GLU B 330 22.46 -19.25 -33.44
CA GLU B 330 23.11 -20.27 -34.25
C GLU B 330 24.54 -19.85 -34.52
N ASP B 331 25.47 -20.78 -34.33
CA ASP B 331 26.88 -20.49 -34.56
C ASP B 331 27.20 -20.53 -36.06
N GLU B 332 28.50 -20.37 -36.39
CA GLU B 332 29.01 -20.34 -37.75
C GLU B 332 28.70 -21.63 -38.53
N GLN B 333 28.52 -22.76 -37.82
CA GLN B 333 28.24 -24.06 -38.42
C GLN B 333 26.74 -24.43 -38.36
N GLY B 334 25.88 -23.46 -37.96
CA GLY B 334 24.44 -23.65 -37.92
C GLY B 334 23.98 -24.38 -36.63
N ARG B 335 24.88 -24.57 -35.67
CA ARG B 335 24.52 -25.27 -34.44
C ARG B 335 23.76 -24.30 -33.54
N ILE B 336 22.72 -24.85 -32.89
CA ILE B 336 21.90 -24.09 -31.95
C ILE B 336 22.62 -24.07 -30.61
N ILE B 337 22.90 -22.87 -30.11
CA ILE B 337 23.58 -22.65 -28.84
C ILE B 337 22.56 -21.98 -27.93
N ILE B 338 22.36 -22.56 -26.74
CA ILE B 338 21.38 -22.04 -25.78
C ILE B 338 22.08 -22.02 -24.43
N ASP B 339 21.96 -20.90 -23.69
CA ASP B 339 22.38 -20.94 -22.29
C ASP B 339 21.14 -21.00 -21.40
N SER B 340 21.27 -21.73 -20.28
CA SER B 340 20.13 -21.83 -19.37
C SER B 340 20.61 -22.09 -17.96
N SER B 341 19.71 -21.86 -16.98
CA SER B 341 20.00 -22.48 -15.69
C SER B 341 19.92 -24.02 -15.82
N LEU B 342 20.57 -24.72 -14.87
CA LEU B 342 20.40 -26.16 -14.78
C LEU B 342 20.46 -26.56 -13.30
N VAL B 343 19.34 -27.12 -12.84
CA VAL B 343 19.28 -27.71 -11.50
C VAL B 343 19.31 -29.22 -11.71
N HIS B 344 20.23 -29.89 -10.97
CA HIS B 344 20.48 -31.31 -11.21
C HIS B 344 19.53 -32.16 -10.35
N GLY B 345 18.21 -31.93 -10.52
CA GLY B 345 17.15 -32.52 -9.73
C GLY B 345 15.89 -31.66 -9.78
N ASN B 346 14.98 -31.88 -8.83
CA ASN B 346 13.68 -31.22 -8.86
C ASN B 346 13.73 -29.87 -8.14
N ALA B 347 13.61 -28.76 -8.87
CA ALA B 347 13.53 -27.42 -8.28
C ALA B 347 12.10 -27.06 -7.89
N PHE B 348 11.12 -27.88 -8.26
CA PHE B 348 9.74 -27.71 -7.80
C PHE B 348 9.37 -28.94 -6.94
N PRO B 349 9.99 -29.11 -5.74
CA PRO B 349 9.77 -30.34 -4.97
C PRO B 349 8.31 -30.54 -4.54
N PHE B 350 7.52 -29.46 -4.56
CA PHE B 350 6.10 -29.50 -4.25
C PHE B 350 5.27 -30.21 -5.33
N PHE B 351 5.92 -30.59 -6.46
CA PHE B 351 5.28 -31.53 -7.39
C PHE B 351 6.19 -32.75 -7.47
N PRO B 352 6.17 -33.62 -6.43
CA PRO B 352 7.11 -34.74 -6.38
C PRO B 352 6.75 -35.84 -7.37
N PRO B 353 7.62 -36.88 -7.48
CA PRO B 353 7.27 -38.05 -8.27
C PRO B 353 6.04 -38.80 -7.78
N ASP B 354 5.52 -39.65 -8.66
CA ASP B 354 4.33 -40.45 -8.45
C ASP B 354 4.66 -41.67 -7.57
N SER B 355 5.72 -42.40 -7.95
CA SER B 355 6.05 -43.68 -7.34
C SER B 355 6.75 -43.49 -6.00
N ASP B 356 6.58 -44.49 -5.13
CA ASP B 356 7.20 -44.51 -3.82
C ASP B 356 8.73 -44.41 -3.90
N GLU B 357 9.35 -45.20 -4.79
CA GLU B 357 10.80 -45.21 -4.89
C GLU B 357 11.35 -43.85 -5.32
N GLN B 358 10.70 -43.22 -6.31
CA GLN B 358 11.19 -41.94 -6.80
C GLN B 358 10.97 -40.85 -5.76
N LYS B 359 9.86 -40.91 -5.00
CA LYS B 359 9.65 -39.96 -3.92
C LYS B 359 10.75 -40.06 -2.87
N LYS B 360 11.17 -41.29 -2.58
CA LYS B 360 12.24 -41.52 -1.60
C LYS B 360 13.56 -41.02 -2.13
N LYS B 361 13.77 -41.11 -3.45
CA LYS B 361 14.97 -40.52 -4.07
C LYS B 361 14.96 -39.00 -3.92
N GLN B 362 13.82 -38.34 -4.17
CA GLN B 362 13.80 -36.89 -4.06
C GLN B 362 14.15 -36.47 -2.63
N GLU B 363 13.56 -37.20 -1.66
CA GLU B 363 13.74 -36.89 -0.26
C GLU B 363 15.19 -37.20 0.11
N ALA B 364 15.68 -38.37 -0.36
CA ALA B 364 17.01 -38.85 0.00
C ALA B 364 18.08 -37.93 -0.56
N ASP B 365 17.87 -37.43 -1.79
CA ASP B 365 18.89 -36.66 -2.49
C ASP B 365 19.01 -35.23 -1.97
N GLY B 366 17.92 -34.65 -1.43
CA GLY B 366 17.93 -33.28 -0.92
C GLY B 366 18.18 -32.23 -2.01
N THR B 367 18.73 -31.08 -1.60
CA THR B 367 18.85 -29.89 -2.46
C THR B 367 19.79 -30.18 -3.63
N PRO B 368 19.31 -30.13 -4.92
CA PRO B 368 20.20 -30.39 -6.06
C PRO B 368 21.24 -29.31 -6.30
N LYS B 369 22.36 -29.70 -6.94
CA LYS B 369 23.36 -28.79 -7.49
C LYS B 369 22.70 -27.89 -8.53
N ALA B 370 23.13 -26.63 -8.57
CA ALA B 370 22.54 -25.67 -9.49
C ALA B 370 23.62 -24.82 -10.12
N GLN B 371 23.52 -24.71 -11.47
CA GLN B 371 24.55 -24.05 -12.28
C GLN B 371 23.90 -23.25 -13.42
N PHE B 372 24.72 -22.49 -14.17
CA PHE B 372 24.35 -21.89 -15.45
C PHE B 372 25.20 -22.54 -16.53
N VAL B 373 24.54 -23.02 -17.59
CA VAL B 373 25.21 -23.91 -18.55
C VAL B 373 24.91 -23.49 -19.99
N ARG B 374 25.67 -24.14 -20.91
CA ARG B 374 25.55 -23.89 -22.35
C ARG B 374 25.32 -25.21 -23.07
N TRP B 375 24.24 -25.27 -23.82
CA TRP B 375 23.81 -26.41 -24.63
C TRP B 375 24.23 -26.21 -26.08
N THR B 376 24.60 -27.32 -26.77
CA THR B 376 24.86 -27.29 -28.21
C THR B 376 23.99 -28.36 -28.86
N ILE B 377 23.07 -27.93 -29.74
CA ILE B 377 22.21 -28.81 -30.49
C ILE B 377 22.58 -28.63 -31.96
N ASP B 378 23.31 -29.62 -32.51
CA ASP B 378 23.78 -29.56 -33.88
C ASP B 378 22.75 -30.22 -34.80
N PRO B 379 21.97 -29.46 -35.61
CA PRO B 379 20.94 -30.04 -36.48
C PRO B 379 21.42 -31.00 -37.57
N ARG B 380 22.73 -31.04 -37.80
CA ARG B 380 23.32 -31.97 -38.75
C ARG B 380 23.42 -33.36 -38.16
N LYS B 381 23.38 -33.48 -36.82
CA LYS B 381 23.52 -34.74 -36.13
C LYS B 381 22.21 -35.51 -36.17
N ASP B 382 22.31 -36.82 -35.92
CA ASP B 382 21.15 -37.66 -35.71
C ASP B 382 20.51 -37.27 -34.37
N ASN B 383 19.23 -36.83 -34.42
CA ASN B 383 18.53 -36.38 -33.21
C ASN B 383 18.26 -37.54 -32.24
N ASN B 384 18.38 -38.80 -32.69
CA ASN B 384 18.30 -39.92 -31.75
C ASN B 384 19.53 -40.11 -30.87
N GLU B 385 20.65 -39.48 -31.21
CA GLU B 385 21.84 -39.58 -30.40
C GLU B 385 21.77 -38.58 -29.23
N GLN B 386 22.10 -39.06 -28.03
CA GLN B 386 22.13 -38.21 -26.83
C GLN B 386 23.00 -36.99 -27.08
N LEU B 387 22.49 -35.82 -26.70
CA LEU B 387 23.22 -34.55 -26.79
C LEU B 387 24.51 -34.61 -25.95
N PRO B 388 25.54 -33.82 -26.32
CA PRO B 388 26.74 -33.67 -25.50
C PRO B 388 26.39 -32.99 -24.18
N ASP B 389 27.19 -33.26 -23.16
CA ASP B 389 26.96 -32.67 -21.85
C ASP B 389 27.11 -31.16 -21.98
N PRO B 390 26.23 -30.35 -21.32
CA PRO B 390 26.36 -28.91 -21.44
C PRO B 390 27.61 -28.43 -20.73
N GLU B 391 28.15 -27.30 -21.21
CA GLU B 391 29.32 -26.69 -20.61
C GLU B 391 28.88 -25.85 -19.41
N VAL B 392 29.64 -25.97 -18.31
CA VAL B 392 29.39 -25.16 -17.12
C VAL B 392 29.93 -23.76 -17.37
N ILE B 393 29.02 -22.76 -17.32
CA ILE B 393 29.38 -21.37 -17.53
C ILE B 393 29.58 -20.67 -16.19
N LEU B 394 28.61 -20.86 -15.26
CA LEU B 394 28.74 -20.41 -13.88
C LEU B 394 28.48 -21.59 -12.97
N ASP B 395 29.47 -21.90 -12.13
CA ASP B 395 29.25 -22.93 -11.12
C ASP B 395 28.69 -22.30 -9.85
N THR B 396 27.50 -21.67 -9.97
CA THR B 396 26.82 -21.07 -8.83
C THR B 396 25.33 -21.16 -9.16
N PRO B 397 24.45 -21.32 -8.15
CA PRO B 397 23.01 -21.31 -8.42
C PRO B 397 22.64 -19.98 -9.09
N SER B 398 21.94 -20.13 -10.22
CA SER B 398 21.67 -19.09 -11.18
C SER B 398 20.23 -19.24 -11.65
N GLU B 399 19.49 -18.13 -11.73
CA GLU B 399 18.12 -18.27 -12.22
C GLU B 399 17.71 -16.92 -12.82
N PHE B 400 16.46 -16.88 -13.31
CA PHE B 400 15.85 -15.67 -13.87
C PHE B 400 16.83 -14.89 -14.75
N PRO B 401 17.45 -15.50 -15.78
CA PRO B 401 18.30 -14.74 -16.69
C PRO B 401 17.51 -13.90 -17.69
N GLN B 402 18.07 -12.72 -18.04
CA GLN B 402 17.56 -11.93 -19.16
C GLN B 402 18.77 -11.47 -19.97
N ILE B 403 18.47 -10.87 -21.13
CA ILE B 403 19.55 -10.47 -22.05
C ILE B 403 19.27 -9.04 -22.50
N ASP B 404 20.09 -8.55 -23.47
CA ASP B 404 19.78 -7.30 -24.14
C ASP B 404 18.90 -7.62 -25.33
N ASN B 405 17.61 -7.29 -25.24
CA ASN B 405 16.63 -7.77 -26.20
C ASN B 405 16.82 -7.19 -27.61
N ARG B 406 17.73 -6.22 -27.74
CA ARG B 406 18.12 -5.78 -29.09
C ARG B 406 18.85 -6.91 -29.83
N PHE B 407 19.23 -7.98 -29.11
CA PHE B 407 19.88 -9.15 -29.68
C PHE B 407 19.01 -10.40 -29.51
N MET B 408 17.70 -10.23 -29.24
CA MET B 408 16.82 -11.38 -29.11
C MET B 408 16.61 -12.06 -30.47
N GLY B 409 16.86 -13.38 -30.50
CA GLY B 409 16.72 -14.19 -31.70
C GLY B 409 17.92 -14.11 -32.66
N VAL B 410 18.99 -13.42 -32.26
CA VAL B 410 20.28 -13.45 -32.97
C VAL B 410 21.40 -13.71 -31.97
N GLU B 411 22.66 -13.72 -32.47
CA GLU B 411 23.78 -13.89 -31.61
C GLU B 411 23.78 -12.79 -30.54
N TYR B 412 23.95 -13.26 -29.29
CA TYR B 412 23.95 -12.39 -28.13
C TYR B 412 25.16 -12.75 -27.28
N SER B 413 25.55 -11.81 -26.41
CA SER B 413 26.70 -11.96 -25.55
C SER B 413 26.37 -11.73 -24.06
N SER B 414 25.68 -10.60 -23.77
CA SER B 414 25.37 -10.24 -22.38
C SER B 414 24.22 -11.08 -21.83
N ALA B 415 24.42 -11.56 -20.60
CA ALA B 415 23.31 -12.16 -19.83
C ALA B 415 23.34 -11.54 -18.45
N PHE B 416 22.14 -11.16 -17.98
CA PHE B 416 21.95 -10.63 -16.63
C PHE B 416 21.25 -11.71 -15.81
N ILE B 417 21.92 -12.16 -14.74
CA ILE B 417 21.50 -13.41 -14.09
C ILE B 417 21.29 -13.17 -12.59
N ASN B 418 20.20 -13.73 -12.04
CA ASN B 418 19.93 -13.71 -10.60
C ASN B 418 20.76 -14.84 -10.00
N VAL B 419 21.59 -14.53 -9.01
CA VAL B 419 22.54 -15.52 -8.50
C VAL B 419 22.51 -15.65 -6.98
N PHE B 420 22.93 -16.83 -6.51
CA PHE B 420 23.49 -16.96 -5.18
C PHE B 420 24.96 -16.53 -5.27
N VAL B 421 25.33 -15.46 -4.55
CA VAL B 421 26.65 -14.87 -4.71
C VAL B 421 27.69 -15.85 -4.13
N PRO B 422 28.72 -16.29 -4.91
CA PRO B 422 29.71 -17.24 -4.40
C PRO B 422 30.33 -16.77 -3.08
N ASP B 423 30.36 -17.69 -2.10
CA ASP B 423 30.98 -17.55 -0.79
C ASP B 423 30.16 -16.68 0.18
N ARG B 424 28.99 -16.19 -0.29
CA ARG B 424 28.18 -15.23 0.45
C ARG B 424 26.71 -15.62 0.37
N SER B 425 26.44 -16.92 0.20
CA SER B 425 25.10 -17.46 -0.01
C SER B 425 24.98 -18.86 0.61
N ASP B 426 23.74 -19.35 0.71
CA ASP B 426 23.43 -20.63 1.33
C ASP B 426 23.09 -21.64 0.22
N GLY B 427 24.09 -22.48 -0.12
CA GLY B 427 24.01 -23.50 -1.16
C GLY B 427 22.96 -24.58 -0.90
N ASN B 428 22.47 -24.67 0.35
CA ASN B 428 21.49 -25.68 0.71
C ASN B 428 20.05 -25.24 0.40
N LYS B 429 19.85 -23.96 0.04
CA LYS B 429 18.54 -23.46 -0.31
C LYS B 429 18.15 -23.92 -1.72
N ASN B 430 16.85 -24.24 -1.89
CA ASN B 430 16.16 -24.30 -3.18
C ASN B 430 16.58 -23.08 -4.02
N VAL B 431 16.73 -23.29 -5.34
CA VAL B 431 17.30 -22.32 -6.28
C VAL B 431 16.57 -20.96 -6.25
N PHE B 432 15.27 -20.97 -5.96
CA PHE B 432 14.48 -19.73 -5.99
C PHE B 432 14.61 -18.95 -4.68
N GLN B 433 15.27 -19.51 -3.66
CA GLN B 433 15.13 -19.00 -2.29
C GLN B 433 16.42 -18.37 -1.74
N GLY B 434 17.55 -18.62 -2.38
CA GLY B 434 18.76 -17.97 -1.87
C GLY B 434 19.34 -16.85 -2.75
N LEU B 435 18.51 -16.17 -3.56
CA LEU B 435 19.05 -15.32 -4.63
C LEU B 435 19.35 -13.93 -4.08
N ASN B 436 20.63 -13.63 -3.85
CA ASN B 436 21.07 -12.43 -3.14
C ASN B 436 22.07 -11.61 -3.97
N GLY B 437 22.14 -11.88 -5.28
CA GLY B 437 22.96 -11.06 -6.14
C GLY B 437 22.51 -11.12 -7.58
N LEU B 438 23.24 -10.33 -8.38
CA LEU B 438 23.10 -10.36 -9.84
C LEU B 438 24.49 -10.61 -10.43
N ALA B 439 24.49 -11.21 -11.61
CA ALA B 439 25.72 -11.30 -12.39
C ALA B 439 25.49 -10.71 -13.78
N HIS B 440 26.48 -10.00 -14.29
CA HIS B 440 26.50 -9.60 -15.69
C HIS B 440 27.59 -10.42 -16.37
N TYR B 441 27.17 -11.48 -17.07
CA TYR B 441 28.05 -12.35 -17.83
C TYR B 441 28.14 -11.85 -19.26
N LYS B 442 29.38 -11.83 -19.80
CA LYS B 442 29.59 -11.50 -21.20
C LYS B 442 30.36 -12.65 -21.87
N ARG B 443 29.67 -13.34 -22.81
CA ARG B 443 30.27 -14.50 -23.46
C ARG B 443 31.51 -14.06 -24.26
N LYS B 444 31.42 -12.93 -24.98
CA LYS B 444 32.48 -12.53 -25.90
C LYS B 444 33.77 -12.25 -25.13
N GLU B 445 33.67 -11.46 -24.06
CA GLU B 445 34.80 -11.10 -23.22
C GLU B 445 35.15 -12.21 -22.21
N GLY B 446 34.21 -13.09 -21.89
CA GLY B 446 34.38 -14.21 -20.97
C GLY B 446 34.31 -13.83 -19.49
N THR B 447 33.86 -12.60 -19.19
CA THR B 447 33.89 -12.04 -17.84
C THR B 447 32.51 -12.15 -17.19
N THR B 448 32.51 -12.23 -15.86
CA THR B 448 31.32 -12.12 -15.04
C THR B 448 31.58 -11.06 -13.98
N GLU B 449 30.68 -10.07 -13.90
CA GLU B 449 30.73 -9.05 -12.87
C GLU B 449 29.58 -9.30 -11.91
N TRP B 450 29.79 -8.94 -10.64
CA TRP B 450 28.87 -9.36 -9.58
C TRP B 450 28.33 -8.15 -8.82
N TYR B 451 27.01 -8.16 -8.58
CA TYR B 451 26.35 -7.21 -7.70
C TYR B 451 25.81 -7.96 -6.50
N TYR B 452 26.18 -7.51 -5.28
CA TYR B 452 25.67 -8.10 -4.06
C TYR B 452 24.51 -7.29 -3.51
N ALA B 453 23.37 -7.95 -3.23
CA ALA B 453 22.17 -7.20 -2.84
C ALA B 453 22.32 -6.53 -1.47
N GLY B 454 23.17 -7.11 -0.61
CA GLY B 454 23.41 -6.59 0.73
C GLY B 454 23.06 -7.65 1.78
N ASP B 455 23.56 -7.44 3.01
CA ASP B 455 23.22 -8.32 4.12
C ASP B 455 21.72 -8.22 4.40
N ASN B 456 21.10 -9.38 4.67
CA ASN B 456 19.69 -9.53 5.00
C ASN B 456 18.82 -8.98 3.86
N CYS B 457 19.32 -9.19 2.62
CA CYS B 457 18.60 -8.81 1.41
C CYS B 457 18.47 -9.99 0.47
N LEU B 458 17.38 -9.97 -0.31
CA LEU B 458 17.29 -10.78 -1.51
C LEU B 458 17.13 -9.82 -2.67
N ILE B 459 17.39 -10.34 -3.87
CA ILE B 459 17.17 -9.54 -5.08
C ILE B 459 16.53 -10.46 -6.13
N GLN B 460 15.62 -9.86 -6.91
CA GLN B 460 14.82 -10.61 -7.89
C GLN B 460 15.38 -10.40 -9.30
N GLU B 461 14.64 -10.88 -10.31
CA GLU B 461 15.15 -10.99 -11.68
C GLU B 461 15.55 -9.60 -12.21
N PRO B 462 16.73 -9.46 -12.84
CA PRO B 462 17.14 -8.18 -13.43
C PRO B 462 16.50 -7.94 -14.80
N VAL B 463 16.31 -6.65 -15.10
CA VAL B 463 15.96 -6.21 -16.44
C VAL B 463 16.99 -5.16 -16.86
N PHE B 464 17.14 -5.03 -18.19
CA PHE B 464 18.11 -4.09 -18.73
C PHE B 464 17.45 -3.04 -19.62
N SER B 465 17.97 -1.81 -19.51
CA SER B 465 17.57 -0.72 -20.39
C SER B 465 18.85 -0.15 -21.03
N PRO B 466 18.98 -0.12 -22.37
CA PRO B 466 20.21 0.41 -22.97
C PRO B 466 20.39 1.89 -22.68
N ARG B 467 21.65 2.33 -22.55
CA ARG B 467 21.90 3.73 -22.26
C ARG B 467 21.26 4.66 -23.29
N SER B 468 21.28 4.24 -24.56
CA SER B 468 20.63 4.85 -25.70
C SER B 468 20.39 3.76 -26.74
N LYS B 469 19.58 4.06 -27.78
CA LYS B 469 19.16 3.04 -28.73
C LYS B 469 20.35 2.39 -29.45
N ASP B 470 21.45 3.15 -29.64
CA ASP B 470 22.63 2.61 -30.32
C ASP B 470 23.82 2.42 -29.38
N ALA B 471 23.59 2.38 -28.06
CA ALA B 471 24.62 1.96 -27.13
C ALA B 471 25.11 0.55 -27.49
N PRO B 472 26.37 0.18 -27.18
CA PRO B 472 26.84 -1.20 -27.35
C PRO B 472 26.00 -2.19 -26.55
N GLU B 473 26.02 -3.44 -26.98
CA GLU B 473 25.33 -4.50 -26.26
C GLU B 473 25.67 -4.49 -24.77
N GLY B 474 24.60 -4.50 -23.93
CA GLY B 474 24.78 -4.61 -22.50
C GLY B 474 25.34 -3.34 -21.86
N ASP B 475 25.30 -2.20 -22.57
CA ASP B 475 25.73 -0.91 -22.00
C ASP B 475 24.49 -0.09 -21.62
N GLY B 476 24.32 0.13 -20.31
CA GLY B 476 23.12 0.86 -19.88
C GLY B 476 22.85 0.59 -18.41
N PHE B 477 21.57 0.34 -18.10
CA PHE B 477 21.14 0.24 -16.71
C PHE B 477 20.43 -1.07 -16.47
N VAL B 478 20.69 -1.60 -15.28
CA VAL B 478 20.04 -2.82 -14.81
C VAL B 478 19.22 -2.44 -13.58
N LEU B 479 17.97 -2.94 -13.57
CA LEU B 479 17.03 -2.66 -12.49
C LEU B 479 16.55 -4.00 -11.92
N ALA B 480 16.28 -4.01 -10.63
CA ALA B 480 15.78 -5.23 -9.98
C ALA B 480 15.15 -4.87 -8.65
N ILE B 481 14.17 -5.70 -8.23
CA ILE B 481 13.54 -5.52 -6.92
C ILE B 481 14.41 -6.16 -5.84
N VAL B 482 14.68 -5.36 -4.79
CA VAL B 482 15.41 -5.83 -3.61
C VAL B 482 14.46 -5.92 -2.43
N ASP B 483 14.47 -7.07 -1.78
CA ASP B 483 13.77 -7.26 -0.51
C ASP B 483 14.68 -6.86 0.64
N ARG B 484 14.31 -5.79 1.36
CA ARG B 484 15.03 -5.39 2.56
C ARG B 484 14.39 -6.15 3.72
N LEU B 485 14.87 -7.37 3.96
CA LEU B 485 14.18 -8.33 4.82
C LEU B 485 14.02 -7.84 6.26
N ASP B 486 14.99 -7.08 6.77
CA ASP B 486 14.90 -6.60 8.15
C ASP B 486 14.01 -5.36 8.26
N LEU B 487 13.60 -4.78 7.12
CA LEU B 487 12.87 -3.51 7.12
C LEU B 487 11.41 -3.67 6.68
N ASN B 488 10.96 -4.89 6.31
CA ASN B 488 9.61 -5.07 5.78
C ASN B 488 9.36 -4.03 4.68
N ARG B 489 10.34 -3.88 3.76
CA ARG B 489 10.11 -3.06 2.57
C ARG B 489 10.83 -3.63 1.36
N SER B 490 10.40 -3.21 0.18
CA SER B 490 10.97 -3.54 -1.12
C SER B 490 11.45 -2.26 -1.78
N GLU B 491 12.52 -2.39 -2.56
CA GLU B 491 13.10 -1.24 -3.27
C GLU B 491 13.48 -1.65 -4.68
N VAL B 492 13.59 -0.70 -5.59
CA VAL B 492 14.12 -0.99 -6.91
C VAL B 492 15.54 -0.46 -6.92
N VAL B 493 16.52 -1.30 -7.24
CA VAL B 493 17.90 -0.78 -7.38
C VAL B 493 18.16 -0.51 -8.86
N VAL B 494 19.01 0.50 -9.10
CA VAL B 494 19.37 0.87 -10.46
C VAL B 494 20.90 0.83 -10.49
N ILE B 495 21.42 0.02 -11.41
CA ILE B 495 22.88 -0.17 -11.57
C ILE B 495 23.26 0.31 -12.97
N ASP B 496 24.38 1.06 -13.06
CA ASP B 496 25.00 1.36 -14.35
C ASP B 496 26.02 0.25 -14.66
N THR B 497 25.87 -0.39 -15.83
CA THR B 497 26.76 -1.48 -16.25
C THR B 497 28.24 -1.05 -16.30
N ARG B 498 28.53 0.26 -16.28
CA ARG B 498 29.92 0.70 -16.23
C ARG B 498 30.57 0.37 -14.90
N ASP B 499 29.76 0.21 -13.85
CA ASP B 499 30.25 -0.38 -12.62
C ASP B 499 29.14 -1.23 -12.00
N PHE B 500 29.16 -2.51 -12.37
CA PHE B 500 28.08 -3.40 -12.02
C PHE B 500 28.01 -3.66 -10.51
N THR B 501 29.09 -3.39 -9.76
CA THR B 501 29.14 -3.66 -8.34
C THR B 501 28.39 -2.61 -7.50
N LYS B 502 27.94 -1.51 -8.11
CA LYS B 502 27.46 -0.37 -7.35
C LYS B 502 26.10 0.10 -7.89
N ALA B 503 25.15 0.30 -6.96
CA ALA B 503 23.91 0.96 -7.29
C ALA B 503 24.13 2.46 -7.43
N VAL B 504 23.52 3.06 -8.47
CA VAL B 504 23.51 4.50 -8.64
C VAL B 504 22.29 5.12 -7.95
N ALA B 505 21.18 4.35 -7.82
CA ALA B 505 19.97 4.89 -7.24
C ALA B 505 19.17 3.71 -6.66
N ALA B 506 18.28 4.04 -5.72
CA ALA B 506 17.29 3.11 -5.19
C ALA B 506 15.96 3.83 -5.16
N VAL B 507 14.90 3.13 -5.59
CA VAL B 507 13.53 3.60 -5.47
C VAL B 507 12.99 2.92 -4.23
N GLN B 508 12.67 3.72 -3.20
CA GLN B 508 12.33 3.21 -1.88
C GLN B 508 10.81 3.24 -1.71
N LEU B 509 10.18 2.08 -1.80
CA LEU B 509 8.77 1.97 -1.43
C LEU B 509 8.65 2.11 0.08
N PRO B 510 7.49 2.53 0.60
CA PRO B 510 7.27 2.53 2.06
C PRO B 510 6.84 1.18 2.64
N PHE B 511 6.79 0.15 1.80
CA PHE B 511 6.26 -1.14 2.16
C PHE B 511 6.92 -2.19 1.26
N ALA B 512 6.67 -3.46 1.63
CA ALA B 512 7.12 -4.62 0.86
C ALA B 512 6.02 -5.05 -0.08
N ILE B 513 6.46 -5.52 -1.25
CA ILE B 513 5.59 -6.20 -2.20
C ILE B 513 6.00 -7.68 -2.23
N ARG B 514 5.13 -8.52 -2.81
CA ARG B 514 5.48 -9.91 -2.97
C ARG B 514 6.78 -10.09 -3.77
N SER B 515 7.50 -11.17 -3.46
CA SER B 515 8.58 -11.61 -4.33
C SER B 515 7.94 -12.25 -5.56
N GLY B 516 8.31 -11.73 -6.74
CA GLY B 516 7.60 -12.07 -7.96
C GLY B 516 8.29 -13.16 -8.80
N ILE B 517 7.79 -13.23 -10.03
CA ILE B 517 8.31 -14.20 -10.98
C ILE B 517 9.12 -13.38 -12.00
N HIS B 518 8.51 -12.97 -13.12
CA HIS B 518 9.27 -12.18 -14.09
C HIS B 518 8.80 -10.74 -14.05
N GLY B 519 9.61 -9.92 -14.71
CA GLY B 519 9.24 -8.55 -15.00
C GLY B 519 9.93 -8.15 -16.29
N GLN B 520 9.54 -6.97 -16.79
CA GLN B 520 10.09 -6.50 -18.06
C GLN B 520 10.33 -5.02 -18.02
N TRP B 521 11.45 -4.58 -18.61
CA TRP B 521 11.61 -3.17 -18.95
C TRP B 521 10.88 -2.93 -20.25
N ILE B 522 9.92 -2.01 -20.22
N ILE B 522 9.90 -2.04 -20.21
CA ILE B 522 9.15 -1.67 -21.41
CA ILE B 522 9.13 -1.67 -21.38
C ILE B 522 9.42 -0.21 -21.72
C ILE B 522 9.45 -0.22 -21.70
N PRO B 523 10.19 0.09 -22.80
CA PRO B 523 10.52 1.48 -23.14
C PRO B 523 9.28 2.31 -23.41
N GLY B 524 9.40 3.62 -23.11
CA GLY B 524 8.30 4.53 -23.39
C GLY B 524 7.87 4.52 -24.85
N GLU B 525 8.87 4.36 -25.76
CA GLU B 525 8.59 4.49 -27.19
C GLU B 525 7.64 3.40 -27.72
N VAL B 526 7.53 2.25 -27.02
CA VAL B 526 6.66 1.16 -27.44
C VAL B 526 5.37 1.18 -26.63
N THR B 527 5.20 2.20 -25.77
CA THR B 527 4.03 2.24 -24.90
C THR B 527 3.09 3.30 -25.44
N PRO B 528 1.86 2.97 -25.88
CA PRO B 528 0.92 4.00 -26.35
C PRO B 528 0.73 5.10 -25.31
N ASP B 529 0.84 6.36 -25.76
CA ASP B 529 0.55 7.57 -24.97
C ASP B 529 1.50 7.76 -23.79
N PHE B 530 2.66 7.11 -23.80
CA PHE B 530 3.67 7.33 -22.76
C PHE B 530 4.01 8.81 -22.55
N GLU B 531 4.00 9.59 -23.63
CA GLU B 531 4.42 10.99 -23.51
C GLU B 531 3.45 11.84 -22.69
N THR B 532 2.19 11.42 -22.55
CA THR B 532 1.25 12.29 -21.85
C THR B 532 0.53 11.58 -20.71
N LYS B 533 0.56 10.24 -20.67
CA LYS B 533 -0.23 9.49 -19.67
C LYS B 533 0.69 8.93 -18.60
N GLY B 534 0.44 9.31 -17.34
CA GLY B 534 1.21 8.78 -16.22
C GLY B 534 0.51 7.58 -15.59
N LEU B 535 1.19 6.95 -14.64
CA LEU B 535 0.51 5.91 -13.87
C LEU B 535 -0.54 6.53 -12.94
N VAL B 536 -0.37 7.80 -12.54
CA VAL B 536 -1.28 8.48 -11.64
C VAL B 536 -1.83 9.70 -12.39
N ASP B 537 -3.17 9.80 -12.48
CA ASP B 537 -3.72 10.97 -13.16
C ASP B 537 -3.70 12.14 -12.17
N LEU B 538 -3.37 13.30 -12.70
CA LEU B 538 -3.27 14.48 -11.85
C LEU B 538 -4.66 14.93 -11.42
N PRO B 539 -4.76 15.58 -10.23
CA PRO B 539 -6.03 16.21 -9.85
C PRO B 539 -6.27 17.43 -10.75
N LYS B 540 -7.49 17.96 -10.69
CA LYS B 540 -7.82 19.08 -11.58
C LYS B 540 -7.05 20.35 -11.20
N GLU B 541 -6.90 21.25 -12.18
CA GLU B 541 -6.22 22.52 -11.92
C GLU B 541 -7.11 23.51 -11.17
N GLU B 542 -8.39 23.65 -11.52
CA GLU B 542 -9.25 24.67 -10.91
C GLU B 542 -9.27 24.46 -9.38
N HIS B 543 -9.16 25.56 -8.63
CA HIS B 543 -9.36 25.48 -7.17
C HIS B 543 -10.78 25.11 -6.83
N TRP B 544 -10.94 24.29 -5.77
CA TRP B 544 -12.26 24.09 -5.20
C TRP B 544 -12.77 25.34 -4.50
N ALA B 545 -11.89 26.05 -3.78
CA ALA B 545 -12.37 27.12 -2.90
C ALA B 545 -12.41 28.45 -3.65
N PRO B 546 -13.33 29.35 -3.27
CA PRO B 546 -13.30 30.71 -3.84
C PRO B 546 -12.16 31.54 -3.25
N LEU B 547 -11.74 32.56 -4.03
CA LEU B 547 -10.65 33.43 -3.62
C LEU B 547 -10.91 34.05 -2.24
N SER B 548 -12.18 34.36 -1.96
CA SER B 548 -12.57 35.04 -0.73
C SER B 548 -12.26 34.21 0.53
N GLN B 549 -12.03 32.90 0.36
CA GLN B 549 -11.81 32.08 1.55
C GLN B 549 -10.35 32.04 2.03
N SER B 550 -9.41 32.63 1.30
CA SER B 550 -8.03 32.57 1.79
C SER B 550 -7.89 33.33 3.11
N PRO B 551 -7.06 32.78 4.05
CA PRO B 551 -6.77 33.51 5.29
C PRO B 551 -5.99 34.79 5.01
N TYR B 552 -5.29 34.84 3.87
CA TYR B 552 -4.42 35.99 3.58
C TYR B 552 -5.17 37.09 2.85
N ASP B 553 -4.90 38.31 3.31
CA ASP B 553 -5.43 39.52 2.70
C ASP B 553 -4.26 40.35 2.24
N PRO B 554 -4.07 40.60 0.93
CA PRO B 554 -2.89 41.36 0.48
C PRO B 554 -2.83 42.81 0.97
N ASP B 555 -3.97 43.34 1.48
CA ASP B 555 -4.05 44.68 2.04
C ASP B 555 -3.76 44.74 3.53
N ALA B 556 -3.70 43.59 4.20
CA ALA B 556 -3.48 43.55 5.63
C ALA B 556 -2.03 43.84 5.98
#